data_5RM5
#
_entry.id   5RM5
#
_cell.length_a   59.094
_cell.length_b   70.181
_cell.length_c   85.187
_cell.angle_alpha   103.000
_cell.angle_beta   95.970
_cell.angle_gamma   112.290
#
_symmetry.space_group_name_H-M   'P 1'
#
loop_
_entity.id
_entity.type
_entity.pdbx_description
1 polymer Helicase
2 non-polymer 'ZINC ION'
3 non-polymer 'PHOSPHATE ION'
4 non-polymer N-(1-ethyl-1H-pyrazol-4-yl)cyclobutanecarboxamide
5 water water
#
_entity_poly.entity_id   1
_entity_poly.type   'polypeptide(L)'
_entity_poly.pdbx_seq_one_letter_code
;AVGACVLCNSQTSLRCGACIRRPFLCCKCCYDHVISTSHKLVLSVNPYVCNAPGCDVTDVTQLYLGGMSYYCKSHKPPIS
FPLCANGQVFGLYKNTCVGSDNVTDFNAIATCDWTNAGDYILANTCTERLKLFAAETLKATEETFKLSYGIATVREVLSD
RELHLSWEVGKPRPPLNRNYVFTGYRVTKNSKVQIGEYTFEKGDYGDAVVYRGTTTYKLNVGDYFVLTSHTVMPLSAPTL
VPQEHYVRITGLYPTLNISDEFSSNVANYQKVGMQKYSTLQGPPGTGKSHFAIGLALYYPSARIVYTACSHAAVDALCEK
ALKYLPIDKCSRIIPARARVECFDKFKVNSTLEQYVFCTVNALPETTADIVVFDEISMATNYDLSVVNARLRAKHYVYIG
DPAQLPAPRTLLTKGTLEPEYFNSVCRLMKTIGPDMFLGTCRRCPAEIVDTVSALVYDNKLKAHKDKSAQCFKMFYKGVI
THDVSSAINRPQIGVVREFLTRNPAWRKAVFISPYNSQNAVASKILGLPTQTVDSSQGSEYDYVIFTQTTETAHSCNVNR
FNVAITRAKVGILCIMSDRDLYDKLQFTSLEIPRRNVATLQ
;
_entity_poly.pdbx_strand_id   A,B
#
loop_
_chem_comp.id
_chem_comp.type
_chem_comp.name
_chem_comp.formula
NUA non-polymer N-(1-ethyl-1H-pyrazol-4-yl)cyclobutanecarboxamide 'C10 H15 N3 O'
PO4 non-polymer 'PHOSPHATE ION' 'O4 P -3'
ZN non-polymer 'ZINC ION' 'Zn 2'
#
# COMPACT_ATOMS: atom_id res chain seq x y z
N ALA A 1 0.40 23.07 -12.84
CA ALA A 1 1.12 24.20 -13.54
C ALA A 1 1.11 25.47 -12.65
N VAL A 2 0.10 25.63 -11.80
CA VAL A 2 0.02 26.75 -10.80
C VAL A 2 0.37 26.18 -9.42
N GLY A 3 1.60 26.41 -8.96
CA GLY A 3 2.14 25.87 -7.69
C GLY A 3 2.85 26.93 -6.87
N ALA A 4 3.60 26.49 -5.86
CA ALA A 4 4.30 27.35 -4.87
C ALA A 4 5.82 27.24 -5.07
N CYS A 5 6.52 28.36 -4.92
CA CYS A 5 7.97 28.54 -5.19
C CYS A 5 8.81 27.83 -4.13
N VAL A 6 9.59 26.81 -4.52
CA VAL A 6 10.31 25.92 -3.56
C VAL A 6 11.26 26.73 -2.65
N LEU A 7 11.54 28.01 -2.94
CA LEU A 7 12.50 28.79 -2.12
C LEU A 7 11.77 29.74 -1.17
N CYS A 8 10.80 30.53 -1.68
CA CYS A 8 10.09 31.60 -0.93
C CYS A 8 8.57 31.42 -0.99
N ASN A 9 8.08 30.29 -1.53
CA ASN A 9 6.69 29.80 -1.39
C ASN A 9 5.73 30.60 -2.27
N SER A 10 6.11 31.82 -2.68
CA SER A 10 5.33 32.70 -3.61
C SER A 10 4.63 31.81 -4.65
N GLN A 11 3.40 32.16 -5.02
CA GLN A 11 2.64 31.47 -6.08
C GLN A 11 3.27 31.88 -7.43
N THR A 12 3.33 30.97 -8.41
CA THR A 12 3.74 31.29 -9.82
C THR A 12 3.28 30.19 -10.77
N SER A 13 3.50 30.46 -12.07
CA SER A 13 3.25 29.55 -13.22
C SER A 13 4.60 29.02 -13.72
N LEU A 14 5.71 29.38 -13.06
CA LEU A 14 7.09 29.10 -13.54
C LEU A 14 7.66 27.88 -12.80
N ARG A 15 7.85 26.77 -13.52
CA ARG A 15 8.74 25.64 -13.14
C ARG A 15 10.05 25.75 -13.93
N CYS A 16 11.20 25.37 -13.36
CA CYS A 16 12.44 25.10 -14.13
C CYS A 16 12.26 23.80 -14.92
N GLY A 17 12.51 23.82 -16.22
CA GLY A 17 12.36 22.63 -17.08
C GLY A 17 13.69 21.91 -17.17
N ALA A 18 14.72 22.46 -16.49
CA ALA A 18 16.11 21.97 -16.58
C ALA A 18 16.42 21.16 -15.33
N CYS A 19 16.01 21.62 -14.15
CA CYS A 19 15.90 20.73 -12.95
C CYS A 19 15.17 19.41 -13.26
N ILE A 20 15.72 18.27 -12.85
CA ILE A 20 15.13 16.89 -12.98
C ILE A 20 13.78 16.79 -12.25
N ARG A 21 13.51 17.63 -11.25
CA ARG A 21 12.23 17.58 -10.48
C ARG A 21 11.21 18.62 -10.99
N ARG A 22 11.63 19.64 -11.75
CA ARG A 22 10.75 20.69 -12.35
C ARG A 22 10.03 21.44 -11.26
N PRO A 23 10.78 21.99 -10.29
CA PRO A 23 10.20 22.78 -9.23
C PRO A 23 9.59 24.09 -9.72
N PHE A 24 8.45 24.46 -9.12
CA PHE A 24 7.82 25.82 -9.19
C PHE A 24 8.81 26.84 -8.62
N LEU A 25 9.28 27.78 -9.46
CA LEU A 25 10.12 28.93 -9.04
C LEU A 25 9.34 30.23 -9.25
N CYS A 26 9.30 31.10 -8.24
CA CYS A 26 8.71 32.47 -8.35
C CYS A 26 9.55 33.25 -9.36
N CYS A 27 8.96 34.28 -9.94
CA CYS A 27 9.55 35.22 -10.94
C CYS A 27 10.93 35.72 -10.47
N LYS A 28 11.04 36.20 -9.23
CA LYS A 28 12.31 36.78 -8.68
C LYS A 28 13.36 35.67 -8.49
N CYS A 29 12.93 34.45 -8.12
CA CYS A 29 13.81 33.29 -7.82
C CYS A 29 14.19 32.56 -9.13
N CYS A 30 13.23 32.31 -10.04
CA CYS A 30 13.45 31.72 -11.40
C CYS A 30 14.50 32.51 -12.18
N TYR A 31 14.53 33.82 -12.03
CA TYR A 31 15.57 34.67 -12.66
C TYR A 31 16.92 34.20 -12.11
N ASP A 32 17.09 34.33 -10.79
CA ASP A 32 18.40 34.20 -10.09
C ASP A 32 18.94 32.78 -10.30
N HIS A 33 18.07 31.79 -10.58
CA HIS A 33 18.43 30.44 -11.11
C HIS A 33 18.99 30.54 -12.54
N VAL A 34 18.19 31.02 -13.50
CA VAL A 34 18.50 30.87 -14.95
C VAL A 34 19.67 31.77 -15.36
N ILE A 35 19.94 32.83 -14.60
CA ILE A 35 21.03 33.79 -14.93
C ILE A 35 22.37 33.32 -14.33
N SER A 36 22.35 32.32 -13.43
CA SER A 36 23.54 31.83 -12.68
C SER A 36 23.95 30.42 -13.12
N THR A 37 23.03 29.63 -13.70
CA THR A 37 23.23 28.21 -14.08
C THR A 37 23.02 27.99 -15.59
N SER A 38 23.44 26.84 -16.11
CA SER A 38 23.14 26.36 -17.48
C SER A 38 21.64 26.08 -17.65
N HIS A 39 20.81 26.34 -16.64
CA HIS A 39 19.36 26.04 -16.66
C HIS A 39 18.65 27.26 -17.26
N LYS A 40 18.12 27.12 -18.48
CA LYS A 40 17.55 28.26 -19.25
C LYS A 40 16.09 27.96 -19.61
N LEU A 41 15.69 26.68 -19.76
CA LEU A 41 14.27 26.32 -20.04
C LEU A 41 13.42 26.64 -18.80
N VAL A 42 12.44 27.52 -18.99
CA VAL A 42 11.36 27.86 -18.02
C VAL A 42 10.04 27.32 -18.58
N LEU A 43 9.30 26.53 -17.80
CA LEU A 43 7.98 25.99 -18.17
C LEU A 43 6.87 26.81 -17.49
N SER A 44 5.67 26.77 -18.08
CA SER A 44 4.38 27.31 -17.58
C SER A 44 3.28 26.42 -18.17
N VAL A 45 2.04 26.93 -18.30
CA VAL A 45 0.96 26.25 -19.08
C VAL A 45 1.61 25.74 -20.38
N ASN A 46 2.32 26.66 -21.03
CA ASN A 46 3.03 26.49 -22.32
C ASN A 46 4.50 26.79 -22.05
N PRO A 47 5.45 26.11 -22.72
CA PRO A 47 6.87 26.38 -22.49
C PRO A 47 7.27 27.79 -22.98
N TYR A 48 8.18 28.44 -22.27
CA TYR A 48 8.92 29.64 -22.74
C TYR A 48 9.90 29.21 -23.84
N VAL A 49 9.36 29.10 -25.05
CA VAL A 49 10.08 28.81 -26.32
C VAL A 49 9.62 29.87 -27.33
N CYS A 50 10.44 30.19 -28.34
CA CYS A 50 10.06 31.07 -29.49
C CYS A 50 8.87 30.43 -30.19
N ASN A 51 7.78 31.17 -30.42
CA ASN A 51 6.57 30.62 -31.10
C ASN A 51 6.72 30.68 -32.62
N ALA A 52 7.79 31.28 -33.14
CA ALA A 52 8.01 31.43 -34.58
C ALA A 52 8.21 30.03 -35.17
N PRO A 53 7.48 29.63 -36.23
CA PRO A 53 7.61 28.29 -36.78
C PRO A 53 9.07 27.91 -37.04
N GLY A 54 9.51 26.74 -36.56
CA GLY A 54 10.82 26.14 -36.91
C GLY A 54 11.98 26.72 -36.10
N CYS A 55 11.71 27.68 -35.22
CA CYS A 55 12.76 28.34 -34.40
C CYS A 55 13.04 27.45 -33.18
N ASP A 56 14.30 27.31 -32.80
CA ASP A 56 14.72 26.31 -31.77
C ASP A 56 15.16 27.02 -30.48
N VAL A 57 14.98 28.34 -30.37
CA VAL A 57 15.40 29.16 -29.19
C VAL A 57 14.47 28.82 -28.03
N THR A 58 15.00 28.15 -26.98
CA THR A 58 14.31 27.75 -25.73
C THR A 58 14.89 28.48 -24.52
N ASP A 59 16.02 29.17 -24.68
CA ASP A 59 16.73 29.91 -23.59
C ASP A 59 15.89 31.16 -23.29
N VAL A 60 15.42 31.25 -22.05
CA VAL A 60 14.49 32.30 -21.51
C VAL A 60 15.17 33.67 -21.54
N THR A 61 16.51 33.69 -21.48
CA THR A 61 17.34 34.92 -21.44
C THR A 61 17.41 35.54 -22.84
N GLN A 62 17.15 34.72 -23.87
CA GLN A 62 17.14 35.14 -25.30
C GLN A 62 15.69 35.37 -25.78
N LEU A 63 14.70 35.40 -24.88
CA LEU A 63 13.26 35.39 -25.25
C LEU A 63 12.54 36.64 -24.74
N TYR A 64 11.42 36.96 -25.39
CA TYR A 64 10.61 38.19 -25.22
C TYR A 64 9.13 37.81 -25.28
N LEU A 65 8.27 38.64 -24.66
CA LEU A 65 6.80 38.59 -24.79
C LEU A 65 6.34 39.55 -25.90
N GLY A 66 5.64 39.03 -26.93
CA GLY A 66 5.01 39.80 -28.01
C GLY A 66 3.54 39.43 -28.12
N GLY A 67 2.65 40.34 -27.73
CA GLY A 67 1.25 39.99 -27.44
C GLY A 67 1.19 39.09 -26.23
N MET A 68 0.46 37.98 -26.32
CA MET A 68 0.39 36.94 -25.26
C MET A 68 1.27 35.75 -25.66
N SER A 69 2.32 35.97 -26.49
CA SER A 69 3.23 34.92 -27.01
C SER A 69 4.71 35.31 -26.86
N TYR A 70 5.60 34.36 -27.13
CA TYR A 70 7.05 34.45 -26.78
C TYR A 70 7.82 34.23 -28.07
N TYR A 71 8.91 35.01 -28.22
CA TYR A 71 9.77 35.03 -29.43
C TYR A 71 11.21 35.33 -29.00
N CYS A 72 12.17 34.84 -29.78
CA CYS A 72 13.61 35.23 -29.71
C CYS A 72 13.83 36.66 -30.26
N LYS A 73 15.09 37.11 -30.28
CA LYS A 73 15.51 38.45 -30.79
C LYS A 73 15.23 38.52 -32.29
N SER A 74 15.41 37.39 -33.00
CA SER A 74 15.26 37.24 -34.47
C SER A 74 13.79 37.33 -34.92
N HIS A 75 12.81 37.15 -34.01
CA HIS A 75 11.38 36.86 -34.34
C HIS A 75 10.42 37.78 -33.58
N LYS A 76 10.88 38.49 -32.55
CA LYS A 76 9.98 39.31 -31.68
C LYS A 76 9.42 40.46 -32.51
N PRO A 77 8.20 40.92 -32.21
CA PRO A 77 7.64 42.09 -32.86
C PRO A 77 8.25 43.35 -32.26
N PRO A 78 8.09 44.53 -32.92
CA PRO A 78 8.61 45.78 -32.38
C PRO A 78 8.18 45.99 -30.92
N ILE A 79 6.91 45.79 -30.60
CA ILE A 79 6.45 45.99 -29.19
C ILE A 79 6.56 44.64 -28.48
N SER A 80 7.75 44.38 -27.92
CA SER A 80 8.10 43.16 -27.16
C SER A 80 9.00 43.50 -25.96
N PHE A 81 8.72 42.81 -24.86
CA PHE A 81 9.38 42.87 -23.53
C PHE A 81 10.30 41.66 -23.36
N PRO A 82 11.60 41.81 -22.98
CA PRO A 82 12.43 40.65 -22.65
C PRO A 82 11.85 39.90 -21.44
N LEU A 83 11.72 38.58 -21.53
CA LEU A 83 11.15 37.75 -20.43
C LEU A 83 12.00 37.94 -19.17
N CYS A 84 13.32 38.01 -19.33
CA CYS A 84 14.32 38.17 -18.23
C CYS A 84 14.76 39.63 -18.17
N ALA A 85 14.20 40.40 -17.22
CA ALA A 85 14.66 41.76 -16.90
C ALA A 85 14.27 42.11 -15.46
N ASN A 86 14.89 43.15 -14.90
CA ASN A 86 14.55 43.69 -13.55
C ASN A 86 14.55 42.56 -12.50
N GLY A 87 15.57 41.69 -12.54
CA GLY A 87 15.75 40.58 -11.58
C GLY A 87 14.59 39.59 -11.59
N GLN A 88 13.78 39.57 -12.65
CA GLN A 88 12.57 38.71 -12.73
C GLN A 88 12.45 38.07 -14.12
N VAL A 89 11.71 36.96 -14.17
CA VAL A 89 11.19 36.27 -15.39
C VAL A 89 9.68 36.51 -15.42
N PHE A 90 9.16 37.07 -16.50
CA PHE A 90 7.71 37.34 -16.64
C PHE A 90 6.92 36.05 -16.39
N GLY A 91 6.06 36.06 -15.37
CA GLY A 91 5.01 35.06 -15.14
C GLY A 91 3.84 35.66 -14.37
N LEU A 92 2.86 34.84 -13.98
CA LEU A 92 1.69 35.28 -13.20
C LEU A 92 2.15 35.70 -11.79
N TYR A 93 1.31 36.44 -11.06
CA TYR A 93 1.47 36.85 -9.63
C TYR A 93 2.82 37.58 -9.41
N LYS A 94 3.39 38.16 -10.48
CA LYS A 94 4.72 38.82 -10.51
C LYS A 94 4.81 39.89 -9.41
N VAL A 103 19.70 31.30 -2.52
CA VAL A 103 19.35 30.73 -3.87
C VAL A 103 20.63 30.24 -4.57
N THR A 104 21.81 30.78 -4.22
CA THR A 104 23.14 30.13 -4.46
C THR A 104 22.96 28.63 -4.20
N ASP A 105 22.54 28.29 -2.98
CA ASP A 105 22.37 26.89 -2.51
C ASP A 105 21.36 26.15 -3.42
N PHE A 106 20.24 26.78 -3.77
CA PHE A 106 19.28 26.16 -4.72
C PHE A 106 20.06 25.78 -6.00
N ASN A 107 20.91 26.69 -6.49
CA ASN A 107 21.64 26.50 -7.78
C ASN A 107 22.57 25.29 -7.68
N ALA A 108 23.40 25.22 -6.64
CA ALA A 108 24.37 24.12 -6.39
C ALA A 108 23.64 22.78 -6.28
N ILE A 109 22.49 22.72 -5.60
CA ILE A 109 21.66 21.48 -5.47
C ILE A 109 21.09 21.09 -6.82
N ALA A 110 20.52 22.06 -7.56
CA ALA A 110 19.81 21.82 -8.84
C ALA A 110 20.74 21.21 -9.90
N THR A 111 22.02 21.58 -9.89
CA THR A 111 22.98 21.27 -10.99
C THR A 111 24.01 20.20 -10.62
N CYS A 112 24.17 19.83 -9.35
CA CYS A 112 25.26 18.90 -8.91
C CYS A 112 24.94 17.47 -9.34
N ASP A 113 25.93 16.62 -9.54
CA ASP A 113 25.71 15.20 -9.96
C ASP A 113 25.68 14.28 -8.74
N TRP A 114 25.94 14.79 -7.52
CA TRP A 114 25.80 14.07 -6.22
C TRP A 114 26.95 13.07 -6.03
N THR A 115 28.11 13.32 -6.64
CA THR A 115 29.29 12.42 -6.62
C THR A 115 30.29 12.98 -5.60
N ASN A 116 30.02 14.17 -5.08
CA ASN A 116 30.91 14.93 -4.17
C ASN A 116 30.24 14.97 -2.80
N ALA A 117 31.01 14.80 -1.72
CA ALA A 117 30.56 14.97 -0.31
C ALA A 117 29.87 16.33 -0.16
N GLY A 118 30.51 17.40 -0.66
CA GLY A 118 30.02 18.80 -0.58
C GLY A 118 28.57 18.97 -1.04
N ASP A 119 28.12 18.12 -1.95
CA ASP A 119 26.70 18.04 -2.39
C ASP A 119 25.84 17.65 -1.19
N TYR A 120 26.25 16.61 -0.45
CA TYR A 120 25.45 16.05 0.67
C TYR A 120 25.51 17.05 1.83
N ILE A 121 26.63 17.74 1.96
CA ILE A 121 26.82 18.73 3.04
C ILE A 121 25.74 19.81 2.85
N LEU A 122 25.72 20.41 1.67
CA LEU A 122 24.78 21.50 1.31
C LEU A 122 23.34 21.00 1.38
N ALA A 123 23.03 19.73 1.03
CA ALA A 123 21.67 19.15 1.11
C ALA A 123 21.21 18.99 2.58
N ASN A 124 22.09 19.31 3.54
CA ASN A 124 21.84 19.11 4.99
C ASN A 124 22.13 20.38 5.80
N THR A 125 22.72 21.42 5.22
CA THR A 125 22.97 22.73 5.90
C THR A 125 21.99 23.78 5.37
N CYS A 126 21.21 23.43 4.36
CA CYS A 126 20.29 24.36 3.66
C CYS A 126 19.00 24.54 4.50
N THR A 127 18.07 25.36 3.99
CA THR A 127 16.66 25.49 4.47
C THR A 127 15.93 24.14 4.30
N GLU A 128 14.75 24.05 4.92
CA GLU A 128 13.94 22.82 5.06
C GLU A 128 13.28 22.47 3.73
N ARG A 129 12.79 23.46 2.97
CA ARG A 129 12.20 23.15 1.64
C ARG A 129 13.32 22.74 0.66
N LEU A 130 14.52 23.31 0.82
CA LEU A 130 15.67 22.91 -0.04
C LEU A 130 16.12 21.48 0.30
N LYS A 131 15.99 21.04 1.55
CA LYS A 131 16.38 19.67 1.96
C LYS A 131 15.48 18.67 1.24
N LEU A 132 14.20 19.01 1.05
CA LEU A 132 13.23 18.11 0.34
C LEU A 132 13.57 18.09 -1.14
N PHE A 133 13.83 19.28 -1.71
CA PHE A 133 14.17 19.45 -3.15
C PHE A 133 15.42 18.60 -3.42
N ALA A 134 16.45 18.86 -2.61
CA ALA A 134 17.73 18.11 -2.54
C ALA A 134 17.45 16.59 -2.51
N ALA A 135 16.62 16.13 -1.57
CA ALA A 135 16.32 14.70 -1.33
C ALA A 135 15.60 14.05 -2.53
N GLU A 136 14.64 14.72 -3.18
CA GLU A 136 13.94 14.14 -4.36
C GLU A 136 14.97 14.07 -5.49
N THR A 137 15.74 15.16 -5.64
CA THR A 137 16.69 15.33 -6.78
C THR A 137 17.71 14.19 -6.68
N LEU A 138 18.33 14.08 -5.51
CA LEU A 138 19.33 13.03 -5.20
C LEU A 138 18.74 11.67 -5.59
N LYS A 139 17.56 11.35 -5.03
CA LYS A 139 16.92 10.02 -5.21
C LYS A 139 16.58 9.82 -6.70
N ALA A 140 16.18 10.90 -7.39
CA ALA A 140 15.83 10.87 -8.82
C ALA A 140 17.10 10.49 -9.58
N THR A 141 18.17 11.21 -9.29
CA THR A 141 19.51 10.99 -9.88
C THR A 141 19.97 9.55 -9.59
N GLU A 142 19.80 9.10 -8.34
CA GLU A 142 20.21 7.74 -7.92
C GLU A 142 19.48 6.73 -8.81
N GLU A 143 18.22 6.97 -9.14
CA GLU A 143 17.36 5.98 -9.86
C GLU A 143 17.73 5.98 -11.35
N THR A 144 17.83 7.18 -11.95
CA THR A 144 18.20 7.38 -13.39
C THR A 144 19.61 6.84 -13.65
N PHE A 145 20.43 6.67 -12.61
CA PHE A 145 21.77 6.07 -12.72
C PHE A 145 21.66 4.53 -12.82
N LYS A 146 20.64 3.90 -12.24
CA LYS A 146 20.48 2.42 -12.25
C LYS A 146 20.29 1.93 -13.69
N LEU A 147 19.79 2.79 -14.57
CA LEU A 147 19.60 2.52 -16.02
C LEU A 147 20.95 2.30 -16.69
N SER A 148 21.99 3.03 -16.26
CA SER A 148 23.37 3.07 -16.83
C SER A 148 24.02 1.67 -16.85
N TYR A 149 23.68 0.81 -15.90
CA TYR A 149 24.30 -0.53 -15.71
C TYR A 149 23.78 -1.52 -16.77
N GLY A 150 24.57 -2.56 -17.02
CA GLY A 150 24.31 -3.59 -18.05
C GLY A 150 23.47 -4.73 -17.52
N ILE A 151 22.63 -5.31 -18.38
CA ILE A 151 21.71 -6.45 -18.06
C ILE A 151 22.60 -7.68 -17.81
N ALA A 152 22.15 -8.58 -16.93
CA ALA A 152 22.85 -9.83 -16.55
C ALA A 152 22.02 -11.04 -17.02
N THR A 153 22.39 -11.61 -18.17
CA THR A 153 21.72 -12.77 -18.79
C THR A 153 22.43 -14.04 -18.31
N VAL A 154 21.68 -15.05 -17.85
CA VAL A 154 22.20 -16.35 -17.33
C VAL A 154 22.69 -17.17 -18.52
N ARG A 155 23.96 -17.59 -18.49
CA ARG A 155 24.59 -18.45 -19.54
C ARG A 155 24.35 -19.93 -19.19
N GLU A 156 24.61 -20.34 -17.93
CA GLU A 156 24.40 -21.74 -17.44
C GLU A 156 24.07 -21.76 -15.93
N VAL A 157 23.28 -22.76 -15.51
CA VAL A 157 22.90 -23.06 -14.09
C VAL A 157 23.76 -24.24 -13.63
N LEU A 158 24.49 -24.09 -12.51
CA LEU A 158 25.33 -25.19 -11.93
C LEU A 158 24.49 -25.99 -10.93
N SER A 159 24.08 -25.36 -9.82
CA SER A 159 23.36 -26.01 -8.70
C SER A 159 22.14 -25.15 -8.31
N ASP A 160 21.67 -25.29 -7.06
CA ASP A 160 20.48 -24.61 -6.49
C ASP A 160 20.87 -23.26 -5.87
N ARG A 161 22.18 -22.93 -5.83
CA ARG A 161 22.69 -21.67 -5.24
C ARG A 161 23.92 -21.11 -5.99
N GLU A 162 24.32 -21.67 -7.14
CA GLU A 162 25.49 -21.18 -7.93
C GLU A 162 25.12 -21.20 -9.43
N LEU A 163 25.52 -20.16 -10.18
CA LEU A 163 25.39 -20.07 -11.66
C LEU A 163 26.52 -19.23 -12.27
N HIS A 164 26.63 -19.22 -13.60
CA HIS A 164 27.57 -18.40 -14.40
C HIS A 164 26.77 -17.35 -15.19
N LEU A 165 27.30 -16.11 -15.32
CA LEU A 165 26.54 -14.95 -15.87
C LEU A 165 27.23 -14.33 -17.10
N SER A 166 26.40 -13.96 -18.09
CA SER A 166 26.73 -13.22 -19.35
C SER A 166 26.21 -11.78 -19.25
N TRP A 167 27.12 -10.79 -19.32
CA TRP A 167 26.85 -9.34 -19.09
C TRP A 167 26.72 -8.58 -20.42
N GLU A 168 25.93 -7.49 -20.42
CA GLU A 168 25.70 -6.63 -21.62
C GLU A 168 26.99 -5.84 -21.92
N VAL A 169 27.46 -5.93 -23.17
CA VAL A 169 28.68 -5.23 -23.68
C VAL A 169 28.35 -3.74 -23.85
N GLY A 170 29.25 -2.84 -23.43
CA GLY A 170 29.14 -1.38 -23.63
C GLY A 170 28.61 -0.64 -22.41
N LYS A 171 27.92 -1.32 -21.49
CA LYS A 171 27.38 -0.77 -20.22
C LYS A 171 28.12 -1.40 -19.04
N PRO A 172 28.56 -0.59 -18.04
CA PRO A 172 29.31 -1.13 -16.90
C PRO A 172 28.51 -2.18 -16.11
N ARG A 173 29.19 -3.02 -15.32
CA ARG A 173 28.56 -4.10 -14.51
C ARG A 173 28.49 -3.63 -13.06
N PRO A 174 27.31 -3.64 -12.42
CA PRO A 174 27.14 -3.09 -11.07
C PRO A 174 27.84 -3.92 -9.99
N PRO A 175 28.43 -3.27 -8.95
CA PRO A 175 29.15 -4.00 -7.91
C PRO A 175 28.34 -5.23 -7.47
N LEU A 176 28.97 -6.40 -7.51
CA LEU A 176 28.32 -7.69 -7.15
C LEU A 176 28.47 -7.94 -5.64
N ASN A 177 27.42 -7.65 -4.87
CA ASN A 177 27.35 -7.77 -3.39
C ASN A 177 25.89 -8.04 -3.02
N ARG A 178 25.53 -7.91 -1.74
CA ARG A 178 24.12 -7.96 -1.26
C ARG A 178 23.51 -6.55 -1.29
N ASN A 179 24.31 -5.49 -1.46
CA ASN A 179 23.86 -4.07 -1.59
C ASN A 179 22.94 -3.95 -2.82
N TYR A 180 23.40 -4.45 -3.98
CA TYR A 180 22.77 -4.28 -5.31
C TYR A 180 21.78 -5.44 -5.58
N VAL A 181 20.49 -5.18 -5.35
CA VAL A 181 19.38 -6.15 -5.56
C VAL A 181 18.78 -5.88 -6.95
N PHE A 182 18.72 -6.91 -7.80
CA PHE A 182 18.10 -6.89 -9.14
C PHE A 182 16.69 -7.46 -9.05
N THR A 183 15.81 -7.07 -9.97
CA THR A 183 14.53 -7.77 -10.25
C THR A 183 14.78 -8.69 -11.45
N GLY A 184 14.47 -9.97 -11.28
CA GLY A 184 14.61 -11.01 -12.33
C GLY A 184 13.36 -11.09 -13.19
N TYR A 185 13.50 -11.65 -14.40
CA TYR A 185 12.43 -11.73 -15.42
C TYR A 185 12.65 -12.97 -16.31
N GLN A 194 8.43 -11.58 -13.94
CA GLN A 194 8.83 -10.83 -12.71
C GLN A 194 9.20 -11.82 -11.60
N ILE A 195 10.14 -12.74 -11.90
CA ILE A 195 10.44 -13.99 -11.11
C ILE A 195 11.08 -13.62 -9.76
N GLY A 196 10.72 -12.47 -9.17
CA GLY A 196 11.14 -12.06 -7.82
C GLY A 196 12.56 -11.51 -7.79
N GLU A 197 12.87 -10.74 -6.74
CA GLU A 197 14.20 -10.09 -6.52
C GLU A 197 15.28 -11.18 -6.33
N TYR A 198 16.55 -10.84 -6.55
CA TYR A 198 17.72 -11.74 -6.47
C TYR A 198 18.98 -10.97 -6.04
N THR A 199 19.98 -11.67 -5.49
CA THR A 199 21.33 -11.13 -5.13
C THR A 199 22.42 -12.11 -5.60
N PHE A 200 23.68 -11.62 -5.66
CA PHE A 200 24.87 -12.35 -6.20
C PHE A 200 26.13 -12.05 -5.36
N GLU A 201 26.91 -13.10 -5.08
CA GLU A 201 28.22 -13.07 -4.35
C GLU A 201 29.24 -13.96 -5.07
N LYS A 202 30.52 -13.57 -5.09
CA LYS A 202 31.64 -14.38 -5.65
C LYS A 202 32.12 -15.37 -4.57
N ASP A 207 35.24 -18.55 -12.36
CA ASP A 207 34.11 -17.72 -12.85
C ASP A 207 32.81 -18.05 -12.11
N ALA A 208 32.87 -18.83 -11.02
CA ALA A 208 31.68 -19.28 -10.24
C ALA A 208 31.13 -18.10 -9.44
N VAL A 209 29.80 -17.93 -9.43
CA VAL A 209 29.08 -16.86 -8.68
C VAL A 209 27.78 -17.46 -8.08
N VAL A 210 27.39 -16.95 -6.90
CA VAL A 210 26.32 -17.53 -6.02
C VAL A 210 25.03 -16.70 -6.20
N TYR A 211 23.91 -17.36 -6.57
CA TYR A 211 22.59 -16.72 -6.83
C TYR A 211 21.64 -16.97 -5.65
N ARG A 212 20.92 -15.93 -5.21
CA ARG A 212 20.04 -15.98 -4.00
C ARG A 212 18.70 -15.31 -4.30
N GLY A 213 17.68 -16.08 -4.65
CA GLY A 213 16.35 -15.59 -5.02
C GLY A 213 15.46 -15.36 -3.81
N THR A 214 14.86 -14.17 -3.72
CA THR A 214 13.82 -13.83 -2.70
C THR A 214 12.68 -14.85 -2.82
N THR A 215 12.37 -15.28 -4.04
CA THR A 215 11.44 -16.40 -4.36
C THR A 215 12.28 -17.58 -4.88
N THR A 216 12.16 -18.77 -4.27
CA THR A 216 12.89 -20.01 -4.66
C THR A 216 12.39 -20.46 -6.05
N TYR A 217 13.23 -20.32 -7.09
CA TYR A 217 12.86 -20.59 -8.50
C TYR A 217 13.98 -21.39 -9.19
N LYS A 218 13.58 -22.43 -9.93
CA LYS A 218 14.48 -23.32 -10.72
C LYS A 218 15.10 -22.47 -11.85
N LEU A 219 16.25 -21.85 -11.57
CA LEU A 219 16.94 -20.82 -12.43
C LEU A 219 16.93 -21.30 -13.89
N ASN A 220 16.25 -20.56 -14.78
CA ASN A 220 16.12 -20.83 -16.23
C ASN A 220 17.25 -20.12 -16.99
N VAL A 221 17.90 -20.80 -17.94
CA VAL A 221 18.98 -20.24 -18.80
C VAL A 221 18.35 -19.23 -19.78
N GLY A 222 19.08 -18.17 -20.12
CA GLY A 222 18.61 -17.09 -21.00
C GLY A 222 17.95 -15.98 -20.22
N ASP A 223 17.02 -16.31 -19.31
CA ASP A 223 16.30 -15.32 -18.46
C ASP A 223 17.31 -14.28 -17.93
N TYR A 224 16.88 -13.03 -17.81
CA TYR A 224 17.73 -11.85 -17.52
C TYR A 224 17.26 -11.18 -16.21
N PHE A 225 18.17 -10.44 -15.56
CA PHE A 225 17.93 -9.62 -14.34
C PHE A 225 18.27 -8.15 -14.65
N VAL A 226 17.50 -7.22 -14.10
CA VAL A 226 17.69 -5.74 -14.26
C VAL A 226 17.48 -5.06 -12.90
N LEU A 227 18.18 -3.94 -12.65
CA LEU A 227 18.16 -3.22 -11.36
C LEU A 227 16.80 -2.54 -11.16
N THR A 228 16.27 -2.64 -9.93
CA THR A 228 14.92 -2.18 -9.53
C THR A 228 14.88 -0.64 -9.51
N SER A 229 14.68 -0.01 -10.67
CA SER A 229 14.45 1.44 -10.81
C SER A 229 13.04 1.79 -10.29
N HIS A 230 12.91 2.15 -9.01
CA HIS A 230 11.63 2.57 -8.38
C HIS A 230 11.42 4.08 -8.59
N THR A 231 10.19 4.48 -8.93
CA THR A 231 9.81 5.88 -9.25
C THR A 231 9.85 6.72 -7.96
N VAL A 232 10.57 7.84 -8.01
CA VAL A 232 10.77 8.78 -6.88
C VAL A 232 9.56 9.70 -6.80
N MET A 233 8.71 9.50 -5.80
CA MET A 233 7.53 10.35 -5.53
C MET A 233 8.00 11.70 -4.98
N PRO A 234 7.23 12.78 -5.22
CA PRO A 234 7.48 14.06 -4.54
C PRO A 234 7.39 13.90 -3.02
N LEU A 235 8.07 14.78 -2.31
CA LEU A 235 8.03 14.92 -0.84
C LEU A 235 7.18 16.14 -0.56
N SER A 236 6.43 16.15 0.54
CA SER A 236 5.57 17.27 1.01
C SER A 236 5.96 17.68 2.44
N ALA A 237 6.16 16.69 3.31
CA ALA A 237 6.37 16.89 4.76
C ALA A 237 7.83 17.29 5.00
N PRO A 238 8.10 18.09 6.04
CA PRO A 238 9.49 18.39 6.39
C PRO A 238 10.21 17.11 6.87
N THR A 239 11.53 17.14 6.95
CA THR A 239 12.34 16.02 7.51
C THR A 239 11.98 15.87 8.99
N LEU A 240 11.96 17.02 9.67
CA LEU A 240 11.59 17.25 11.09
C LEU A 240 10.42 18.24 11.14
N VAL A 241 9.27 17.88 11.71
CA VAL A 241 8.20 18.85 12.07
C VAL A 241 8.82 19.92 12.97
N PRO A 242 8.31 21.18 13.00
CA PRO A 242 8.97 22.22 13.78
C PRO A 242 8.94 21.76 15.25
N GLN A 243 9.95 22.12 16.06
CA GLN A 243 10.05 21.68 17.48
C GLN A 243 8.96 22.38 18.27
N GLU A 244 8.28 21.65 19.18
CA GLU A 244 7.39 22.20 20.24
C GLU A 244 7.84 21.67 21.61
N HIS A 245 8.02 22.58 22.56
CA HIS A 245 8.19 22.27 24.01
C HIS A 245 6.87 22.50 24.74
N TYR A 246 6.58 21.63 25.70
CA TYR A 246 5.38 21.71 26.54
C TYR A 246 5.86 21.86 27.99
N VAL A 247 4.98 22.37 28.85
CA VAL A 247 5.21 22.55 30.31
C VAL A 247 4.87 21.21 31.00
N ARG A 248 3.97 20.44 30.38
CA ARG A 248 3.39 19.19 30.92
C ARG A 248 3.32 18.14 29.81
N ILE A 249 3.34 16.85 30.21
CA ILE A 249 3.27 15.64 29.33
C ILE A 249 1.98 15.73 28.52
N THR A 250 2.09 15.93 27.21
CA THR A 250 0.98 16.31 26.30
C THR A 250 0.45 15.03 25.61
N GLY A 251 -0.84 14.74 25.75
CA GLY A 251 -1.55 13.72 24.94
C GLY A 251 -1.16 12.28 25.29
N LEU A 252 -0.39 12.08 26.35
CA LEU A 252 0.04 10.73 26.83
C LEU A 252 -0.32 10.66 28.31
N TYR A 253 -0.48 9.44 28.87
CA TYR A 253 -0.88 9.21 30.29
C TYR A 253 0.09 8.22 30.94
N PRO A 254 1.01 8.71 31.82
CA PRO A 254 2.04 7.87 32.42
C PRO A 254 1.49 6.84 33.42
N THR A 255 2.22 5.74 33.66
CA THR A 255 2.01 4.83 34.83
C THR A 255 2.66 5.44 36.08
N LEU A 256 2.28 4.90 37.24
CA LEU A 256 2.87 5.16 38.58
C LEU A 256 3.53 3.86 39.03
N ASN A 257 2.91 2.73 38.65
CA ASN A 257 3.42 1.34 38.72
C ASN A 257 4.33 1.08 37.52
N ILE A 258 5.55 1.62 37.50
CA ILE A 258 6.53 1.47 36.37
C ILE A 258 7.64 0.48 36.78
N SER A 259 7.62 -0.73 36.20
CA SER A 259 8.60 -1.82 36.36
C SER A 259 10.01 -1.24 36.58
N ASP A 260 10.66 -1.65 37.68
CA ASP A 260 12.04 -1.23 38.08
C ASP A 260 13.01 -1.38 36.92
N GLU A 261 12.78 -2.38 36.05
CA GLU A 261 13.60 -2.70 34.85
C GLU A 261 13.72 -1.49 33.91
N PHE A 262 12.75 -0.58 33.94
CA PHE A 262 12.66 0.63 33.06
C PHE A 262 12.66 1.92 33.89
N SER A 263 13.04 1.85 35.17
CA SER A 263 13.05 3.01 36.11
C SER A 263 14.15 4.01 35.70
N SER A 264 15.27 3.52 35.21
CA SER A 264 16.42 4.34 34.74
C SER A 264 15.92 5.40 33.75
N ASN A 265 14.95 5.06 32.90
CA ASN A 265 14.54 5.83 31.70
C ASN A 265 13.33 6.74 31.95
N VAL A 266 12.84 6.88 33.19
CA VAL A 266 11.56 7.60 33.47
C VAL A 266 11.74 9.08 33.10
N ALA A 267 12.81 9.75 33.55
CA ALA A 267 13.02 11.20 33.29
C ALA A 267 13.14 11.45 31.76
N ASN A 268 13.80 10.56 31.01
CA ASN A 268 13.83 10.60 29.52
C ASN A 268 12.43 10.41 28.93
N TYR A 269 11.66 9.48 29.49
CA TYR A 269 10.29 9.14 29.05
C TYR A 269 9.36 10.36 29.25
N GLN A 270 9.65 11.19 30.26
CA GLN A 270 8.86 12.40 30.58
C GLN A 270 9.30 13.55 29.65
N LYS A 271 10.57 13.53 29.21
CA LYS A 271 11.11 14.47 28.19
C LYS A 271 10.41 14.21 26.86
N VAL A 272 10.27 12.93 26.46
CA VAL A 272 9.56 12.48 25.22
C VAL A 272 8.15 13.08 25.19
N GLY A 273 7.48 13.14 26.36
CA GLY A 273 6.10 13.63 26.53
C GLY A 273 5.99 15.16 26.55
N MET A 274 7.08 15.87 26.85
CA MET A 274 7.10 17.36 27.00
C MET A 274 7.78 18.03 25.79
N GLN A 275 7.85 17.35 24.64
CA GLN A 275 8.38 17.87 23.35
C GLN A 275 7.62 17.23 22.19
N LYS A 276 7.58 17.88 21.02
CA LYS A 276 7.00 17.27 19.80
C LYS A 276 7.88 16.05 19.41
N TYR A 277 9.16 16.30 19.14
CA TYR A 277 10.13 15.24 18.76
C TYR A 277 11.28 15.30 19.76
N SER A 278 11.93 14.16 19.94
CA SER A 278 13.13 14.01 20.79
C SER A 278 14.17 13.12 20.09
N THR A 279 15.45 13.43 20.30
CA THR A 279 16.62 12.67 19.78
C THR A 279 17.27 11.88 20.92
N LEU A 280 17.49 10.58 20.71
CA LEU A 280 18.27 9.71 21.67
C LEU A 280 19.53 9.16 20.98
N GLN A 281 20.71 9.62 21.42
CA GLN A 281 22.00 8.98 21.06
C GLN A 281 22.29 7.84 22.04
N GLY A 282 22.20 6.60 21.55
CA GLY A 282 22.55 5.39 22.30
C GLY A 282 23.67 4.62 21.60
N PRO A 283 24.95 4.81 22.03
CA PRO A 283 26.08 3.99 21.60
C PRO A 283 25.75 2.51 21.70
N PRO A 284 26.55 1.61 21.10
CA PRO A 284 26.20 0.20 21.05
C PRO A 284 25.96 -0.31 22.47
N GLY A 285 24.87 -1.07 22.66
CA GLY A 285 24.62 -1.90 23.85
C GLY A 285 24.22 -1.07 25.06
N THR A 286 23.66 0.14 24.86
CA THR A 286 23.38 1.12 25.93
C THR A 286 21.87 1.12 26.28
N GLY A 287 21.08 0.30 25.61
CA GLY A 287 19.65 0.10 25.94
C GLY A 287 18.72 0.89 25.03
N LYS A 288 18.99 0.99 23.72
CA LYS A 288 18.06 1.64 22.75
C LYS A 288 16.76 0.83 22.66
N SER A 289 16.81 -0.48 22.34
CA SER A 289 15.61 -1.34 22.21
C SER A 289 14.79 -1.24 23.50
N HIS A 290 15.51 -1.36 24.61
CA HIS A 290 14.97 -1.38 25.98
C HIS A 290 14.27 -0.06 26.22
N PHE A 291 14.86 1.03 25.77
CA PHE A 291 14.23 2.38 25.87
C PHE A 291 12.98 2.49 24.99
N ALA A 292 13.11 2.02 23.75
CA ALA A 292 11.99 2.06 22.77
C ALA A 292 10.79 1.28 23.34
N ILE A 293 10.98 0.02 23.74
CA ILE A 293 9.89 -0.86 24.24
C ILE A 293 9.45 -0.35 25.61
N GLY A 294 10.38 0.19 26.40
CA GLY A 294 10.12 0.78 27.72
C GLY A 294 9.20 1.99 27.67
N LEU A 295 9.05 2.59 26.50
CA LEU A 295 8.25 3.82 26.34
C LEU A 295 6.77 3.42 26.36
N ALA A 296 6.45 2.24 25.83
CA ALA A 296 5.08 1.69 25.71
C ALA A 296 4.56 1.32 27.10
N LEU A 297 5.42 0.73 27.93
CA LEU A 297 5.09 0.34 29.33
C LEU A 297 4.88 1.62 30.16
N TYR A 298 5.59 2.71 29.87
CA TYR A 298 5.46 3.96 30.65
C TYR A 298 4.21 4.71 30.23
N TYR A 299 3.88 4.69 28.93
CA TYR A 299 2.64 5.25 28.36
C TYR A 299 1.79 4.09 27.85
N PRO A 300 1.20 3.30 28.78
CA PRO A 300 0.59 2.00 28.42
C PRO A 300 -0.62 2.02 27.47
N SER A 301 -1.38 3.11 27.38
CA SER A 301 -2.57 3.22 26.48
C SER A 301 -2.13 3.78 25.12
N ALA A 302 -0.97 4.43 25.05
CA ALA A 302 -0.45 5.12 23.84
C ALA A 302 -0.33 4.14 22.68
N ARG A 303 -0.77 4.56 21.49
CA ARG A 303 -0.58 3.82 20.22
C ARG A 303 0.80 4.23 19.69
N ILE A 304 1.70 3.26 19.57
CA ILE A 304 3.10 3.52 19.14
C ILE A 304 3.31 2.78 17.81
N VAL A 305 3.78 3.52 16.81
CA VAL A 305 4.33 2.96 15.56
C VAL A 305 5.86 2.96 15.69
N TYR A 306 6.42 1.77 15.51
CA TYR A 306 7.86 1.44 15.58
C TYR A 306 8.34 1.26 14.14
N THR A 307 9.25 2.12 13.68
CA THR A 307 9.68 2.19 12.27
C THR A 307 11.21 2.33 12.24
N ALA A 308 11.81 1.83 11.15
CA ALA A 308 13.24 1.94 10.77
C ALA A 308 13.33 1.66 9.28
N CYS A 309 14.44 1.98 8.62
CA CYS A 309 14.59 1.76 7.16
C CYS A 309 14.63 0.26 6.83
N SER A 310 15.24 -0.58 7.67
CA SER A 310 15.56 -1.98 7.31
C SER A 310 14.62 -2.96 8.01
N HIS A 311 14.47 -4.15 7.44
CA HIS A 311 13.64 -5.23 8.01
C HIS A 311 14.29 -5.70 9.31
N ALA A 312 15.63 -5.74 9.35
CA ALA A 312 16.39 -6.23 10.52
C ALA A 312 16.10 -5.29 11.71
N ALA A 313 16.22 -3.98 11.52
CA ALA A 313 15.98 -2.96 12.59
C ALA A 313 14.57 -3.11 13.15
N VAL A 314 13.55 -3.27 12.29
CA VAL A 314 12.12 -3.41 12.72
C VAL A 314 11.96 -4.74 13.49
N ASP A 315 12.57 -5.82 12.99
CA ASP A 315 12.58 -7.20 13.56
C ASP A 315 13.29 -7.26 14.92
N ALA A 316 14.36 -6.49 15.10
CA ALA A 316 14.99 -6.29 16.42
C ALA A 316 13.97 -5.65 17.38
N LEU A 317 13.23 -4.61 16.94
CA LEU A 317 12.23 -3.96 17.83
C LEU A 317 11.10 -4.94 18.16
N CYS A 318 10.73 -5.80 17.19
CA CYS A 318 9.71 -6.86 17.36
C CYS A 318 10.19 -7.88 18.43
N GLU A 319 11.43 -8.36 18.34
CA GLU A 319 12.00 -9.31 19.33
C GLU A 319 11.93 -8.69 20.71
N LYS A 320 12.34 -7.43 20.88
CA LYS A 320 12.26 -6.77 22.20
C LYS A 320 10.79 -6.76 22.63
N ALA A 321 9.89 -6.28 21.79
CA ALA A 321 8.44 -6.12 22.11
C ALA A 321 7.84 -7.47 22.55
N LEU A 322 8.16 -8.54 21.83
CA LEU A 322 7.67 -9.92 22.14
C LEU A 322 7.90 -10.24 23.63
N LYS A 323 9.02 -9.81 24.18
CA LYS A 323 9.43 -10.09 25.58
C LYS A 323 8.56 -9.32 26.58
N TYR A 324 8.09 -8.10 26.25
CA TYR A 324 7.57 -7.13 27.26
C TYR A 324 6.17 -6.62 26.94
N LEU A 325 5.71 -6.69 25.69
CA LEU A 325 4.41 -6.08 25.29
C LEU A 325 3.44 -7.20 24.94
N PRO A 326 2.11 -6.99 25.18
CA PRO A 326 1.12 -8.05 24.91
C PRO A 326 1.03 -8.32 23.40
N ILE A 327 1.26 -9.58 23.00
CA ILE A 327 1.37 -10.07 21.59
C ILE A 327 0.07 -9.82 20.79
N ASP A 328 -1.06 -9.61 21.46
CA ASP A 328 -2.39 -9.41 20.83
C ASP A 328 -2.50 -7.96 20.34
N LYS A 329 -1.64 -7.06 20.83
CA LYS A 329 -1.68 -5.61 20.48
C LYS A 329 -0.51 -5.21 19.55
N CYS A 330 0.20 -6.20 18.99
CA CYS A 330 1.38 -6.03 18.10
C CYS A 330 1.10 -6.56 16.70
N SER A 331 1.40 -5.75 15.68
CA SER A 331 1.35 -6.17 14.26
C SER A 331 2.66 -5.83 13.56
N ARG A 332 3.23 -6.80 12.82
CA ARG A 332 4.36 -6.59 11.90
C ARG A 332 3.77 -6.36 10.49
N ILE A 333 3.82 -5.12 9.98
CA ILE A 333 3.37 -4.71 8.61
C ILE A 333 4.39 -5.21 7.60
N ILE A 334 3.95 -5.98 6.62
CA ILE A 334 4.81 -6.59 5.57
C ILE A 334 4.26 -6.18 4.21
N PRO A 335 5.08 -5.58 3.31
CA PRO A 335 4.62 -5.25 1.97
C PRO A 335 4.44 -6.54 1.14
N ALA A 336 3.25 -6.70 0.53
CA ALA A 336 2.83 -7.88 -0.27
C ALA A 336 3.91 -8.23 -1.30
N ARG A 337 4.74 -7.26 -1.71
CA ARG A 337 6.02 -7.47 -2.47
C ARG A 337 7.11 -7.82 -1.45
N ALA A 338 7.00 -9.00 -0.82
CA ALA A 338 7.86 -9.49 0.28
C ALA A 338 9.27 -9.79 -0.27
N ARG A 339 10.31 -9.21 0.36
CA ARG A 339 11.71 -9.19 -0.14
C ARG A 339 12.58 -10.18 0.64
N VAL A 340 12.66 -10.04 1.97
CA VAL A 340 13.36 -11.00 2.89
C VAL A 340 12.33 -11.64 3.82
N GLU A 341 12.64 -12.81 4.38
CA GLU A 341 11.92 -13.36 5.55
C GLU A 341 12.11 -12.34 6.69
N CYS A 342 11.05 -12.02 7.42
CA CYS A 342 11.12 -11.18 8.64
C CYS A 342 10.17 -11.71 9.73
N PHE A 343 9.85 -10.89 10.72
CA PHE A 343 9.32 -11.34 12.03
C PHE A 343 7.92 -11.94 11.83
N ASP A 344 7.71 -13.17 12.35
CA ASP A 344 6.53 -14.03 12.07
C ASP A 344 5.61 -14.18 13.30
N LYS A 345 6.01 -13.72 14.49
CA LYS A 345 5.31 -14.03 15.77
C LYS A 345 4.33 -12.91 16.13
N PHE A 346 4.00 -12.01 15.22
CA PHE A 346 2.86 -11.08 15.40
C PHE A 346 1.79 -11.41 14.36
N LYS A 347 0.56 -10.92 14.56
CA LYS A 347 -0.48 -10.77 13.51
C LYS A 347 0.12 -9.86 12.41
N VAL A 348 0.16 -10.34 11.17
CA VAL A 348 0.75 -9.63 9.98
C VAL A 348 -0.32 -8.74 9.34
N ASN A 349 -0.04 -7.42 9.25
CA ASN A 349 -0.69 -6.43 8.34
C ASN A 349 -2.00 -5.95 8.97
N SER A 350 -2.12 -6.08 10.29
CA SER A 350 -3.14 -5.37 11.10
C SER A 350 -2.62 -3.98 11.45
N THR A 351 -3.02 -2.99 10.66
CA THR A 351 -2.65 -1.56 10.77
C THR A 351 -3.26 -0.91 12.03
N LEU A 352 -4.24 -1.54 12.67
CA LEU A 352 -5.04 -0.90 13.74
C LEU A 352 -4.67 -1.46 15.12
N GLU A 353 -3.66 -2.33 15.21
CA GLU A 353 -3.13 -2.80 16.53
C GLU A 353 -2.45 -1.61 17.24
N GLN A 354 -2.49 -1.56 18.58
CA GLN A 354 -1.81 -0.52 19.40
C GLN A 354 -0.31 -0.42 19.00
N TYR A 355 0.30 -1.54 18.63
CA TYR A 355 1.76 -1.64 18.33
C TYR A 355 1.92 -2.15 16.90
N VAL A 356 2.47 -1.27 16.06
CA VAL A 356 2.70 -1.49 14.60
C VAL A 356 4.20 -1.38 14.36
N PHE A 357 4.80 -2.43 13.81
CA PHE A 357 6.24 -2.58 13.49
C PHE A 357 6.35 -2.66 11.98
N CYS A 358 6.96 -1.65 11.36
CA CYS A 358 6.94 -1.44 9.90
C CYS A 358 8.18 -0.66 9.41
N THR A 359 8.81 -1.16 8.35
CA THR A 359 9.87 -0.45 7.59
C THR A 359 9.27 0.88 7.06
N VAL A 360 10.08 1.94 6.98
CA VAL A 360 9.64 3.28 6.49
C VAL A 360 8.89 3.10 5.16
N ASN A 361 9.44 2.31 4.24
CA ASN A 361 8.99 2.30 2.82
C ASN A 361 7.62 1.63 2.72
N ALA A 362 7.15 0.94 3.76
CA ALA A 362 5.87 0.20 3.78
C ALA A 362 4.83 0.89 4.69
N LEU A 363 5.18 1.99 5.37
CA LEU A 363 4.31 2.63 6.40
C LEU A 363 2.94 2.92 5.80
N PRO A 364 1.85 2.62 6.53
CA PRO A 364 0.53 3.06 6.11
C PRO A 364 0.35 4.55 6.43
N GLU A 365 -0.71 5.14 5.88
CA GLU A 365 -1.19 6.49 6.24
C GLU A 365 -2.05 6.30 7.50
N THR A 366 -1.51 6.69 8.65
CA THR A 366 -2.14 6.49 9.99
C THR A 366 -1.68 7.61 10.95
N THR A 367 -2.16 7.53 12.18
CA THR A 367 -1.84 8.48 13.25
C THR A 367 -1.31 7.66 14.42
N ALA A 368 -0.70 8.34 15.39
CA ALA A 368 -0.06 7.68 16.55
C ALA A 368 0.14 8.70 17.67
N ASP A 369 0.14 8.22 18.90
CA ASP A 369 0.50 9.04 20.08
C ASP A 369 2.00 9.27 20.03
N ILE A 370 2.75 8.19 19.77
CA ILE A 370 4.24 8.19 19.67
C ILE A 370 4.63 7.45 18.40
N VAL A 371 5.53 8.04 17.62
CA VAL A 371 6.31 7.35 16.56
C VAL A 371 7.74 7.20 17.09
N VAL A 372 8.22 5.96 17.06
CA VAL A 372 9.66 5.64 17.34
C VAL A 372 10.30 5.28 16.00
N PHE A 373 11.21 6.15 15.58
CA PHE A 373 12.13 5.91 14.44
C PHE A 373 13.49 5.49 15.00
N ASP A 374 13.88 4.26 14.71
CA ASP A 374 15.11 3.60 15.20
C ASP A 374 16.16 3.55 14.08
N GLU A 375 17.43 3.30 14.44
CA GLU A 375 18.61 3.17 13.53
C GLU A 375 18.69 4.43 12.65
N ILE A 376 18.66 5.60 13.31
CA ILE A 376 18.41 6.90 12.62
C ILE A 376 19.65 7.26 11.79
N SER A 377 20.81 6.68 12.09
CA SER A 377 22.04 7.03 11.36
C SER A 377 21.87 6.50 9.93
N MET A 378 21.09 5.41 9.75
CA MET A 378 20.81 4.76 8.44
C MET A 378 19.69 5.49 7.67
N ALA A 379 18.99 6.44 8.26
CA ALA A 379 17.88 7.18 7.59
C ALA A 379 18.48 8.26 6.69
N THR A 380 17.88 8.43 5.51
CA THR A 380 18.12 9.60 4.61
C THR A 380 17.06 10.66 4.94
N ASN A 381 17.24 11.88 4.46
CA ASN A 381 16.23 12.97 4.55
C ASN A 381 14.97 12.60 3.75
N TYR A 382 15.10 11.86 2.65
CA TYR A 382 13.94 11.26 1.96
C TYR A 382 13.11 10.48 3.00
N ASP A 383 13.71 9.49 3.69
CA ASP A 383 13.08 8.65 4.74
C ASP A 383 12.46 9.55 5.84
N LEU A 384 13.20 10.54 6.36
CA LEU A 384 12.69 11.41 7.46
C LEU A 384 11.41 12.10 6.99
N SER A 385 11.38 12.57 5.73
CA SER A 385 10.21 13.24 5.11
C SER A 385 9.03 12.27 5.02
N VAL A 386 9.24 11.11 4.40
CA VAL A 386 8.18 10.08 4.20
C VAL A 386 7.50 9.82 5.54
N VAL A 387 8.26 9.56 6.60
CA VAL A 387 7.70 9.23 7.95
C VAL A 387 6.77 10.37 8.39
N ASN A 388 7.16 11.65 8.23
CA ASN A 388 6.30 12.80 8.62
C ASN A 388 5.04 12.86 7.74
N ALA A 389 5.16 12.40 6.49
CA ALA A 389 4.06 12.35 5.50
C ALA A 389 3.02 11.33 5.94
N ARG A 390 3.41 10.08 6.21
CA ARG A 390 2.47 8.96 6.44
C ARG A 390 1.94 8.95 7.90
N LEU A 391 2.76 9.36 8.87
CA LEU A 391 2.42 9.31 10.32
C LEU A 391 2.21 10.73 10.87
N ARG A 392 0.95 11.09 11.13
CA ARG A 392 0.55 12.26 11.96
C ARG A 392 0.48 11.80 13.41
N ALA A 393 1.39 12.33 14.27
CA ALA A 393 1.67 11.81 15.62
C ALA A 393 1.81 12.92 16.67
N LYS A 394 1.48 12.64 17.93
CA LYS A 394 1.64 13.60 19.05
C LYS A 394 3.14 13.79 19.33
N HIS A 395 3.91 12.68 19.33
CA HIS A 395 5.38 12.67 19.61
C HIS A 395 6.15 11.75 18.68
N TYR A 396 7.25 12.28 18.13
CA TYR A 396 8.24 11.58 17.28
C TYR A 396 9.51 11.34 18.11
N VAL A 397 9.94 10.08 18.26
CA VAL A 397 11.24 9.79 18.95
C VAL A 397 12.22 9.22 17.93
N TYR A 398 13.40 9.84 17.86
CA TYR A 398 14.49 9.50 16.91
C TYR A 398 15.62 8.83 17.71
N ILE A 399 15.78 7.54 17.45
CA ILE A 399 16.80 6.69 18.14
C ILE A 399 17.88 6.23 17.15
N GLY A 400 19.13 6.45 17.55
CA GLY A 400 20.30 5.75 16.98
C GLY A 400 21.57 6.40 17.46
N ASP A 401 22.59 6.45 16.61
CA ASP A 401 23.94 6.86 17.02
C ASP A 401 24.65 7.40 15.80
N PRO A 402 24.98 8.70 15.76
CA PRO A 402 25.73 9.28 14.64
C PRO A 402 27.18 8.77 14.58
N ALA A 403 27.65 8.04 15.60
CA ALA A 403 28.97 7.37 15.54
C ALA A 403 28.82 6.00 14.85
N GLN A 404 27.61 5.60 14.41
CA GLN A 404 27.45 4.35 13.66
C GLN A 404 27.25 4.66 12.17
N LEU A 405 26.93 3.64 11.38
CA LEU A 405 27.01 3.72 9.91
C LEU A 405 25.81 4.44 9.31
N PRO A 406 26.05 5.24 8.24
CA PRO A 406 24.99 5.87 7.45
C PRO A 406 24.53 4.95 6.30
N ALA A 407 23.40 5.32 5.67
CA ALA A 407 22.92 4.67 4.42
C ALA A 407 24.01 4.85 3.38
N PRO A 408 24.34 3.79 2.61
CA PRO A 408 25.27 3.93 1.50
C PRO A 408 24.74 4.99 0.52
N ARG A 409 25.60 5.91 0.11
CA ARG A 409 25.34 6.91 -0.99
C ARG A 409 25.96 6.38 -2.27
N THR A 410 25.17 5.68 -3.09
CA THR A 410 25.70 4.92 -4.24
C THR A 410 26.39 5.88 -5.21
N LEU A 411 25.99 7.16 -5.28
CA LEU A 411 26.58 8.11 -6.26
C LEU A 411 27.83 8.79 -5.69
N LEU A 412 27.97 8.87 -4.37
CA LEU A 412 29.09 9.60 -3.72
C LEU A 412 30.38 8.80 -3.91
N THR A 413 31.33 9.35 -4.68
CA THR A 413 32.66 8.74 -4.92
C THR A 413 33.78 9.65 -4.43
N LYS A 414 33.52 10.94 -4.23
CA LYS A 414 34.58 11.92 -3.87
C LYS A 414 34.23 12.61 -2.55
N GLY A 415 35.14 12.58 -1.58
CA GLY A 415 34.97 13.16 -0.24
C GLY A 415 34.30 12.15 0.68
N THR A 416 34.43 12.35 1.99
CA THR A 416 33.84 11.46 3.03
C THR A 416 32.71 12.24 3.73
N LEU A 417 31.58 11.59 3.90
CA LEU A 417 30.38 12.23 4.49
C LEU A 417 30.45 12.12 6.01
N GLU A 418 30.75 13.21 6.69
CA GLU A 418 30.80 13.28 8.17
C GLU A 418 29.41 13.04 8.78
N PRO A 419 29.35 12.50 10.02
CA PRO A 419 28.09 12.24 10.73
C PRO A 419 27.08 13.40 10.83
N GLU A 420 27.57 14.65 10.93
CA GLU A 420 26.68 15.84 11.00
C GLU A 420 25.94 16.09 9.66
N TYR A 421 26.18 15.31 8.63
CA TYR A 421 25.56 15.49 7.28
C TYR A 421 24.76 14.25 6.87
N PHE A 422 24.61 13.27 7.78
CA PHE A 422 23.89 12.00 7.53
C PHE A 422 22.42 12.30 7.19
N ASN A 423 21.80 13.18 8.00
CA ASN A 423 20.37 13.55 7.91
C ASN A 423 20.18 14.65 8.94
N SER A 424 18.99 15.24 9.04
CA SER A 424 18.70 16.39 9.95
C SER A 424 18.83 15.97 11.43
N VAL A 425 18.39 14.77 11.78
CA VAL A 425 18.47 14.23 13.17
C VAL A 425 19.95 14.17 13.56
N CYS A 426 20.80 13.53 12.75
CA CYS A 426 22.26 13.42 13.04
C CYS A 426 22.85 14.80 13.11
N ARG A 427 22.45 15.71 12.22
CA ARG A 427 22.99 17.09 12.21
C ARG A 427 22.70 17.72 13.58
N LEU A 428 21.45 17.63 14.04
CA LEU A 428 21.07 18.13 15.38
C LEU A 428 21.96 17.43 16.42
N MET A 429 22.02 16.09 16.43
CA MET A 429 22.79 15.33 17.46
C MET A 429 24.26 15.79 17.49
N LYS A 430 24.83 16.17 16.34
CA LYS A 430 26.28 16.52 16.26
C LYS A 430 26.49 18.02 16.52
N THR A 431 25.45 18.84 16.47
CA THR A 431 25.60 20.33 16.56
C THR A 431 25.17 20.79 17.94
N ILE A 432 23.90 20.60 18.32
CA ILE A 432 23.30 21.04 19.62
C ILE A 432 23.30 19.87 20.62
N GLY A 433 23.76 18.69 20.19
CA GLY A 433 23.74 17.50 21.05
C GLY A 433 22.39 16.79 20.98
N PRO A 434 22.35 15.51 21.41
CA PRO A 434 21.08 14.79 21.47
C PRO A 434 20.29 15.24 22.71
N ASP A 435 18.99 14.96 22.74
CA ASP A 435 18.12 15.38 23.88
C ASP A 435 18.47 14.46 25.05
N MET A 436 18.84 13.22 24.72
CA MET A 436 19.07 12.13 25.68
C MET A 436 20.21 11.26 25.14
N PHE A 437 21.14 10.89 26.02
CA PHE A 437 22.35 10.08 25.72
C PHE A 437 22.36 8.88 26.65
N LEU A 438 22.34 7.63 26.14
CA LEU A 438 22.57 6.43 26.99
C LEU A 438 24.08 6.21 27.17
N GLY A 439 24.57 6.37 28.39
CA GLY A 439 25.99 6.63 28.68
C GLY A 439 26.76 5.39 29.11
N THR A 440 26.12 4.23 29.26
CA THR A 440 26.77 3.02 29.80
C THR A 440 26.54 1.84 28.86
N CYS A 441 27.63 1.33 28.27
CA CYS A 441 27.62 0.11 27.43
C CYS A 441 27.57 -1.13 28.32
N ARG A 442 26.55 -1.96 28.17
CA ARG A 442 26.40 -3.21 28.96
C ARG A 442 26.82 -4.42 28.13
N ARG A 443 27.14 -4.26 26.85
CA ARG A 443 27.42 -5.43 25.98
C ARG A 443 28.90 -5.81 26.04
N CYS A 444 29.82 -4.83 25.98
CA CYS A 444 31.21 -5.04 25.47
C CYS A 444 32.22 -5.06 26.61
N PRO A 445 33.24 -5.92 26.47
CA PRO A 445 34.35 -5.93 27.40
C PRO A 445 34.89 -4.51 27.49
N ALA A 446 35.39 -4.09 28.65
CA ALA A 446 35.87 -2.71 28.85
C ALA A 446 36.93 -2.30 27.83
N GLU A 447 37.75 -3.24 27.35
CA GLU A 447 38.83 -2.92 26.36
C GLU A 447 38.18 -2.29 25.13
N ILE A 448 37.05 -2.80 24.70
CA ILE A 448 36.28 -2.26 23.55
C ILE A 448 35.59 -0.96 23.95
N VAL A 449 34.95 -0.91 25.11
CA VAL A 449 34.22 0.31 25.55
C VAL A 449 35.22 1.48 25.65
N ASP A 450 36.37 1.27 26.30
CA ASP A 450 37.38 2.34 26.47
C ASP A 450 37.89 2.80 25.09
N THR A 451 38.08 1.90 24.13
CA THR A 451 38.63 2.27 22.80
C THR A 451 37.64 3.19 22.08
N VAL A 452 36.39 2.76 21.94
CA VAL A 452 35.40 3.52 21.14
C VAL A 452 35.01 4.78 21.94
N SER A 453 35.04 4.76 23.28
CA SER A 453 34.69 5.93 24.12
C SER A 453 35.61 7.09 23.75
N ALA A 454 36.91 6.81 23.64
CA ALA A 454 37.93 7.81 23.26
C ALA A 454 37.76 8.16 21.78
N LEU A 455 37.49 7.17 20.94
CA LEU A 455 37.54 7.33 19.47
C LEU A 455 36.39 8.21 18.99
N VAL A 456 35.13 7.96 19.39
CA VAL A 456 33.96 8.64 18.75
C VAL A 456 32.99 9.26 19.77
N TYR A 457 33.13 8.98 21.06
CA TYR A 457 32.14 9.40 22.09
C TYR A 457 32.74 10.39 23.07
N ASP A 458 33.88 11.00 22.73
CA ASP A 458 34.50 12.06 23.56
C ASP A 458 34.57 11.57 25.01
N ASN A 459 34.87 10.29 25.22
CA ASN A 459 35.14 9.71 26.56
C ASN A 459 33.89 9.73 27.43
N LYS A 460 32.70 9.88 26.85
CA LYS A 460 31.44 9.98 27.63
C LYS A 460 30.74 8.61 27.68
N LEU A 461 31.27 7.58 27.02
CA LEU A 461 30.67 6.22 27.11
C LEU A 461 31.42 5.46 28.20
N LYS A 462 30.69 4.79 29.08
CA LYS A 462 31.27 4.05 30.24
C LYS A 462 31.00 2.56 30.06
N ALA A 463 31.94 1.75 30.56
CA ALA A 463 31.91 0.27 30.59
C ALA A 463 31.14 -0.18 31.83
N HIS A 464 30.09 -0.96 31.65
CA HIS A 464 29.53 -1.79 32.73
C HIS A 464 30.41 -3.02 32.97
N LYS A 465 30.77 -3.74 31.91
CA LYS A 465 31.56 -4.98 32.03
C LYS A 465 33.00 -4.66 32.43
N ASP A 466 33.63 -5.63 33.09
CA ASP A 466 35.09 -5.67 33.34
C ASP A 466 35.75 -5.85 31.97
N LYS A 467 37.03 -5.46 31.84
CA LYS A 467 37.94 -6.01 30.79
C LYS A 467 37.75 -7.54 30.74
N SER A 468 37.63 -8.14 29.56
CA SER A 468 37.44 -9.61 29.41
C SER A 468 38.81 -10.34 29.41
N ALA A 469 39.91 -9.65 29.13
CA ALA A 469 41.23 -10.24 28.78
C ALA A 469 41.06 -11.29 27.66
N GLN A 470 40.07 -11.10 26.79
CA GLN A 470 39.85 -11.88 25.55
C GLN A 470 39.75 -10.94 24.32
N CYS A 471 40.38 -9.77 24.37
CA CYS A 471 40.36 -8.78 23.26
C CYS A 471 41.79 -8.63 22.77
N PHE A 472 42.06 -8.99 21.52
CA PHE A 472 43.44 -9.11 20.96
C PHE A 472 43.55 -8.33 19.65
N LYS A 473 44.70 -7.74 19.42
CA LYS A 473 45.01 -6.99 18.19
C LYS A 473 46.29 -7.59 17.63
N MET A 474 46.37 -7.68 16.31
CA MET A 474 47.63 -8.05 15.62
C MET A 474 47.82 -7.10 14.45
N PHE A 475 48.97 -6.46 14.37
CA PHE A 475 49.34 -5.59 13.24
C PHE A 475 49.94 -6.49 12.16
N TYR A 476 49.22 -6.71 11.07
CA TYR A 476 49.60 -7.65 9.99
C TYR A 476 49.00 -7.19 8.65
N LYS A 477 49.78 -6.47 7.85
CA LYS A 477 49.33 -5.85 6.57
C LYS A 477 49.04 -6.96 5.53
N GLY A 478 49.79 -8.05 5.53
CA GLY A 478 49.47 -9.19 4.65
C GLY A 478 49.60 -8.78 3.19
N VAL A 479 48.64 -9.17 2.35
CA VAL A 479 48.75 -8.99 0.88
C VAL A 479 47.35 -8.73 0.40
N ILE A 480 47.16 -7.67 -0.36
CA ILE A 480 45.78 -7.25 -0.73
C ILE A 480 45.60 -7.58 -2.21
N THR A 481 44.66 -8.49 -2.47
CA THR A 481 44.17 -8.85 -3.81
C THR A 481 42.77 -8.25 -3.90
N HIS A 482 42.20 -8.23 -5.09
CA HIS A 482 40.92 -7.56 -5.37
C HIS A 482 40.06 -8.45 -6.27
N ASP A 483 38.82 -8.67 -5.87
CA ASP A 483 37.75 -9.27 -6.69
C ASP A 483 37.00 -8.07 -7.28
N VAL A 484 37.50 -7.59 -8.42
CA VAL A 484 37.12 -6.29 -9.05
C VAL A 484 37.71 -5.19 -8.15
N SER A 485 36.89 -4.55 -7.30
CA SER A 485 37.28 -3.49 -6.34
C SER A 485 37.19 -3.98 -4.89
N SER A 486 36.39 -5.03 -4.63
CA SER A 486 36.23 -5.61 -3.28
C SER A 486 37.56 -6.26 -2.90
N ALA A 487 38.03 -6.01 -1.68
CA ALA A 487 39.41 -6.35 -1.25
C ALA A 487 39.42 -7.72 -0.57
N ILE A 488 40.53 -8.43 -0.71
CA ILE A 488 40.77 -9.75 -0.07
C ILE A 488 42.16 -9.70 0.55
N ASN A 489 42.37 -10.34 1.70
CA ASN A 489 43.70 -10.46 2.34
C ASN A 489 43.85 -11.91 2.83
N ARG A 490 44.41 -12.76 1.97
CA ARG A 490 44.54 -14.21 2.27
C ARG A 490 45.45 -14.34 3.49
N PRO A 491 46.64 -13.71 3.53
CA PRO A 491 47.49 -13.83 4.70
C PRO A 491 46.78 -13.45 6.02
N GLN A 492 45.92 -12.41 6.02
CA GLN A 492 45.19 -12.03 7.27
C GLN A 492 44.29 -13.20 7.67
N ILE A 493 43.66 -13.86 6.71
CA ILE A 493 42.85 -15.09 6.98
C ILE A 493 43.78 -16.23 7.44
N GLY A 494 45.01 -16.27 6.95
CA GLY A 494 45.98 -17.30 7.31
C GLY A 494 46.34 -17.17 8.78
N VAL A 495 46.61 -15.95 9.21
CA VAL A 495 46.84 -15.60 10.64
C VAL A 495 45.63 -16.02 11.50
N VAL A 496 44.39 -15.80 11.04
CA VAL A 496 43.17 -16.19 11.79
C VAL A 496 43.14 -17.73 11.93
N ARG A 497 43.23 -18.42 10.80
CA ARG A 497 43.33 -19.90 10.78
C ARG A 497 44.33 -20.36 11.85
N GLU A 498 45.51 -19.76 11.93
CA GLU A 498 46.58 -20.17 12.88
C GLU A 498 46.10 -19.94 14.33
N PHE A 499 45.54 -18.76 14.58
CA PHE A 499 45.00 -18.34 15.90
C PHE A 499 43.95 -19.36 16.35
N LEU A 500 43.06 -19.77 15.42
CA LEU A 500 41.92 -20.65 15.78
C LEU A 500 42.43 -21.99 16.33
N THR A 501 43.48 -22.58 15.74
CA THR A 501 44.02 -23.90 16.19
C THR A 501 44.45 -23.77 17.67
N ARG A 502 44.87 -22.59 18.13
CA ARG A 502 45.47 -22.36 19.48
C ARG A 502 44.44 -21.75 20.44
N ASN A 503 43.21 -21.54 19.97
CA ASN A 503 42.19 -20.77 20.71
C ASN A 503 40.82 -21.39 20.44
N PRO A 504 40.63 -22.72 20.67
CA PRO A 504 39.45 -23.43 20.15
C PRO A 504 38.11 -22.86 20.63
N ALA A 505 38.11 -22.02 21.67
CA ALA A 505 36.91 -21.36 22.22
C ALA A 505 36.34 -20.37 21.19
N TRP A 506 37.18 -19.92 20.26
CA TRP A 506 36.80 -18.91 19.23
C TRP A 506 36.18 -19.61 18.02
N ARG A 507 36.03 -20.94 18.08
CA ARG A 507 35.48 -21.77 16.98
C ARG A 507 34.08 -21.25 16.64
N LYS A 508 33.40 -20.68 17.64
CA LYS A 508 32.01 -20.16 17.56
C LYS A 508 32.00 -18.70 17.02
N ALA A 509 33.15 -18.11 16.71
CA ALA A 509 33.27 -16.65 16.43
C ALA A 509 32.61 -16.31 15.09
N VAL A 510 32.00 -15.14 15.02
CA VAL A 510 31.59 -14.50 13.73
C VAL A 510 32.83 -13.85 13.17
N PHE A 511 33.07 -14.04 11.87
CA PHE A 511 34.17 -13.39 11.10
C PHE A 511 33.61 -12.12 10.47
N ILE A 512 34.27 -10.98 10.67
CA ILE A 512 33.78 -9.65 10.19
C ILE A 512 34.92 -8.92 9.52
N SER A 513 34.60 -8.25 8.42
CA SER A 513 35.55 -7.49 7.58
C SER A 513 34.77 -6.44 6.85
N PRO A 514 35.44 -5.39 6.37
CA PRO A 514 34.75 -4.35 5.62
C PRO A 514 34.41 -4.74 4.16
N TYR A 515 34.62 -6.00 3.76
CA TYR A 515 34.50 -6.47 2.33
C TYR A 515 33.91 -7.88 2.21
N ASN A 516 32.82 -7.98 1.44
CA ASN A 516 32.16 -9.24 1.00
C ASN A 516 33.19 -10.25 0.50
N SER A 517 34.09 -9.79 -0.37
CA SER A 517 35.02 -10.69 -1.07
C SER A 517 35.93 -11.35 -0.03
N GLN A 518 36.40 -10.58 0.95
CA GLN A 518 37.22 -11.09 2.08
C GLN A 518 36.38 -12.11 2.84
N ASN A 519 35.11 -11.79 3.06
CA ASN A 519 34.15 -12.63 3.81
C ASN A 519 33.99 -13.95 3.03
N ALA A 520 33.79 -13.89 1.71
CA ALA A 520 33.64 -15.08 0.84
C ALA A 520 34.82 -16.01 1.06
N VAL A 521 36.04 -15.48 1.03
CA VAL A 521 37.27 -16.31 1.18
C VAL A 521 37.34 -16.86 2.61
N ALA A 522 37.04 -16.05 3.61
CA ALA A 522 37.11 -16.48 5.04
C ALA A 522 36.05 -17.57 5.27
N SER A 523 34.90 -17.45 4.63
CA SER A 523 33.84 -18.49 4.74
C SER A 523 34.44 -19.85 4.34
N LYS A 524 35.00 -19.96 3.12
CA LYS A 524 35.56 -21.21 2.57
C LYS A 524 36.72 -21.71 3.45
N ILE A 525 37.66 -20.85 3.87
CA ILE A 525 38.92 -21.33 4.52
C ILE A 525 38.69 -21.64 6.02
N LEU A 526 37.83 -20.87 6.69
CA LEU A 526 37.67 -20.89 8.17
C LEU A 526 36.41 -21.68 8.58
N GLY A 527 35.32 -21.50 7.83
CA GLY A 527 34.01 -22.12 8.09
C GLY A 527 33.21 -21.35 9.12
N LEU A 528 33.75 -20.25 9.65
CA LEU A 528 33.02 -19.32 10.56
C LEU A 528 31.87 -18.71 9.79
N PRO A 529 30.73 -18.41 10.44
CA PRO A 529 29.74 -17.53 9.84
C PRO A 529 30.42 -16.16 9.62
N THR A 530 29.87 -15.39 8.70
CA THR A 530 30.54 -14.24 8.05
C THR A 530 29.55 -13.06 8.06
N GLN A 531 30.08 -11.85 8.18
CA GLN A 531 29.25 -10.63 8.23
C GLN A 531 30.13 -9.44 7.84
N THR A 532 29.62 -8.50 7.03
CA THR A 532 30.31 -7.23 6.73
C THR A 532 30.11 -6.35 7.96
N VAL A 533 30.96 -5.37 8.18
CA VAL A 533 30.71 -4.43 9.30
C VAL A 533 29.29 -3.88 9.16
N ASP A 534 28.97 -3.36 7.97
CA ASP A 534 27.69 -2.64 7.68
C ASP A 534 26.53 -3.59 7.99
N SER A 535 26.55 -4.87 7.58
CA SER A 535 25.45 -5.83 7.91
C SER A 535 25.51 -6.29 9.38
N SER A 536 26.65 -6.19 10.08
CA SER A 536 26.79 -6.55 11.52
C SER A 536 26.03 -5.57 12.41
N GLN A 537 25.89 -4.32 11.98
CA GLN A 537 25.27 -3.23 12.79
C GLN A 537 23.94 -3.72 13.36
N GLY A 538 23.72 -3.46 14.64
CA GLY A 538 22.51 -3.87 15.39
C GLY A 538 22.61 -5.26 16.01
N SER A 539 23.56 -6.11 15.58
CA SER A 539 23.75 -7.48 16.11
C SER A 539 24.87 -7.51 17.13
N GLU A 540 24.92 -8.58 17.94
CA GLU A 540 26.01 -8.86 18.89
C GLU A 540 26.29 -10.37 18.90
N TYR A 541 27.53 -10.72 19.21
CA TYR A 541 28.05 -12.11 19.18
C TYR A 541 29.09 -12.26 20.28
N ASP A 542 29.24 -13.46 20.85
CA ASP A 542 30.17 -13.69 21.99
C ASP A 542 31.58 -13.33 21.53
N TYR A 543 31.98 -13.82 20.38
CA TYR A 543 33.34 -13.67 19.84
C TYR A 543 33.27 -13.14 18.41
N VAL A 544 34.15 -12.20 18.11
CA VAL A 544 34.24 -11.54 16.78
C VAL A 544 35.69 -11.71 16.36
N ILE A 545 35.90 -12.03 15.08
CA ILE A 545 37.23 -11.94 14.44
C ILE A 545 37.07 -10.90 13.34
N PHE A 546 37.87 -9.84 13.40
CA PHE A 546 37.85 -8.71 12.46
C PHE A 546 39.18 -8.67 11.72
N THR A 547 39.16 -8.75 10.40
CA THR A 547 40.36 -8.49 9.54
C THR A 547 40.09 -7.20 8.82
N GLN A 548 40.90 -6.17 9.07
CA GLN A 548 40.70 -4.86 8.43
C GLN A 548 40.83 -5.00 6.91
N THR A 549 41.63 -5.95 6.44
CA THR A 549 41.76 -6.33 4.99
C THR A 549 42.70 -5.37 4.26
N THR A 550 42.33 -4.09 4.20
CA THR A 550 43.07 -3.03 3.47
C THR A 550 43.20 -1.80 4.36
N GLU A 551 44.13 -0.90 4.04
CA GLU A 551 44.16 0.51 4.51
C GLU A 551 43.51 1.40 3.45
N THR A 552 42.20 1.63 3.56
CA THR A 552 41.44 2.57 2.71
C THR A 552 40.58 3.45 3.61
N ALA A 553 39.99 4.52 3.07
CA ALA A 553 39.07 5.38 3.83
C ALA A 553 37.87 4.53 4.28
N HIS A 554 37.42 3.58 3.46
CA HIS A 554 36.35 2.62 3.80
C HIS A 554 36.74 1.80 5.05
N SER A 555 37.91 1.18 5.06
CA SER A 555 38.30 0.23 6.13
C SER A 555 38.79 0.97 7.36
N CYS A 556 39.10 2.26 7.22
CA CYS A 556 39.66 3.10 8.31
C CYS A 556 38.62 4.06 8.86
N ASN A 557 37.43 4.06 8.27
CA ASN A 557 36.32 4.94 8.72
C ASN A 557 36.05 4.62 10.19
N VAL A 558 36.06 5.65 11.04
CA VAL A 558 36.01 5.49 12.52
C VAL A 558 34.62 4.99 12.91
N ASN A 559 33.58 5.38 12.16
CA ASN A 559 32.21 4.88 12.43
C ASN A 559 32.16 3.39 12.15
N ARG A 560 32.72 2.94 11.02
CA ARG A 560 32.70 1.51 10.63
C ARG A 560 33.52 0.74 11.66
N PHE A 561 34.69 1.26 12.02
CA PHE A 561 35.58 0.63 13.03
C PHE A 561 34.84 0.49 14.38
N ASN A 562 34.19 1.57 14.81
CA ASN A 562 33.31 1.63 16.01
C ASN A 562 32.33 0.46 15.95
N VAL A 563 31.53 0.37 14.90
CA VAL A 563 30.52 -0.73 14.79
C VAL A 563 31.24 -2.09 14.85
N ALA A 564 32.32 -2.26 14.09
CA ALA A 564 33.03 -3.56 13.96
C ALA A 564 33.36 -4.13 15.35
N ILE A 565 33.97 -3.34 16.24
CA ILE A 565 34.56 -3.89 17.48
C ILE A 565 33.51 -3.92 18.58
N THR A 566 32.41 -3.15 18.47
CA THR A 566 31.33 -3.15 19.46
C THR A 566 30.32 -4.24 19.15
N ARG A 567 30.58 -5.16 18.24
CA ARG A 567 29.63 -6.29 18.06
C ARG A 567 29.85 -7.34 19.19
N ALA A 568 31.01 -7.38 19.80
CA ALA A 568 31.50 -8.49 20.65
C ALA A 568 31.02 -8.35 22.09
N LYS A 569 30.57 -9.45 22.68
CA LYS A 569 30.14 -9.49 24.11
C LYS A 569 31.27 -10.00 25.01
N VAL A 570 32.18 -10.83 24.49
CA VAL A 570 33.21 -11.51 25.33
C VAL A 570 34.59 -11.26 24.74
N GLY A 571 34.79 -11.64 23.48
CA GLY A 571 36.13 -11.56 22.90
C GLY A 571 36.13 -10.97 21.50
N ILE A 572 37.23 -10.36 21.14
CA ILE A 572 37.47 -9.87 19.76
C ILE A 572 38.94 -10.07 19.43
N LEU A 573 39.20 -10.45 18.19
CA LEU A 573 40.54 -10.51 17.59
C LEU A 573 40.49 -9.60 16.36
N CYS A 574 41.32 -8.55 16.36
CA CYS A 574 41.42 -7.57 15.27
C CYS A 574 42.78 -7.77 14.64
N ILE A 575 42.80 -8.22 13.40
CA ILE A 575 44.00 -8.19 12.53
C ILE A 575 43.89 -6.88 11.76
N MET A 576 44.83 -5.96 11.99
CA MET A 576 44.78 -4.55 11.57
C MET A 576 45.79 -4.31 10.43
N SER A 577 45.47 -3.34 9.57
CA SER A 577 46.33 -2.84 8.48
C SER A 577 46.82 -1.43 8.79
N ASP A 578 46.06 -0.71 9.60
CA ASP A 578 46.22 0.73 9.92
C ASP A 578 46.90 0.90 11.28
N ARG A 579 48.04 1.58 11.31
CA ARG A 579 48.87 1.78 12.53
C ARG A 579 48.04 2.56 13.55
N ASP A 580 47.36 3.61 13.09
CA ASP A 580 46.59 4.54 13.94
C ASP A 580 45.54 3.73 14.68
N LEU A 581 44.67 3.04 13.95
CA LEU A 581 43.54 2.32 14.59
C LEU A 581 44.10 1.16 15.41
N TYR A 582 45.18 0.54 14.93
CA TYR A 582 45.86 -0.54 15.69
C TYR A 582 46.31 -0.01 17.05
N ASP A 583 47.01 1.13 17.08
CA ASP A 583 47.64 1.66 18.33
C ASP A 583 46.51 2.03 19.29
N LYS A 584 45.43 2.60 18.77
CA LYS A 584 44.27 3.06 19.58
C LYS A 584 43.55 1.88 20.22
N LEU A 585 43.61 0.68 19.64
CA LEU A 585 42.94 -0.48 20.28
C LEU A 585 43.60 -0.76 21.66
N GLN A 586 42.82 -0.72 22.74
CA GLN A 586 43.31 -0.96 24.12
C GLN A 586 43.27 -2.45 24.40
N PHE A 587 43.95 -3.24 23.56
CA PHE A 587 43.83 -4.72 23.56
C PHE A 587 45.22 -5.26 23.81
N THR A 588 45.29 -6.50 24.26
CA THR A 588 46.54 -7.27 24.30
C THR A 588 47.00 -7.54 22.85
N SER A 589 48.22 -7.15 22.51
CA SER A 589 48.82 -7.46 21.19
C SER A 589 49.33 -8.90 21.19
N LEU A 590 49.08 -9.61 20.10
CA LEU A 590 49.65 -10.94 19.79
C LEU A 590 50.87 -10.79 18.87
N GLU A 591 51.71 -11.84 18.80
CA GLU A 591 52.88 -11.95 17.89
C GLU A 591 52.69 -13.07 16.85
N ILE A 592 53.18 -12.82 15.62
CA ILE A 592 53.54 -13.78 14.52
C ILE A 592 53.38 -13.03 13.19
N VAL B 2 -9.96 5.83 24.29
CA VAL B 2 -11.13 6.79 24.31
C VAL B 2 -11.56 7.08 22.87
N GLY B 3 -12.81 7.52 22.67
CA GLY B 3 -13.39 7.94 21.37
C GLY B 3 -14.88 8.23 21.44
N ALA B 4 -15.58 8.12 20.32
CA ALA B 4 -16.97 8.59 20.16
C ALA B 4 -17.91 7.40 20.00
N CYS B 5 -19.06 7.48 20.66
CA CYS B 5 -20.15 6.48 20.62
C CYS B 5 -20.71 6.47 19.19
N VAL B 6 -20.93 5.28 18.62
CA VAL B 6 -21.48 5.10 17.23
C VAL B 6 -23.00 5.29 17.22
N LEU B 7 -23.65 5.61 18.35
CA LEU B 7 -25.12 5.84 18.39
C LEU B 7 -25.49 7.26 18.84
N CYS B 8 -24.65 7.86 19.70
CA CYS B 8 -24.91 9.17 20.37
C CYS B 8 -23.86 10.18 19.91
N ASN B 9 -22.64 9.71 19.67
CA ASN B 9 -21.45 10.55 19.41
C ASN B 9 -20.89 10.99 20.76
N SER B 10 -21.69 10.91 21.84
CA SER B 10 -21.20 11.10 23.24
C SER B 10 -19.80 10.50 23.34
N GLN B 11 -18.82 11.25 23.85
CA GLN B 11 -17.45 10.74 24.10
C GLN B 11 -17.58 9.45 24.95
N THR B 12 -16.60 8.54 24.92
CA THR B 12 -16.61 7.33 25.79
C THR B 12 -15.22 6.71 25.94
N SER B 13 -15.05 5.92 27.01
CA SER B 13 -13.85 5.09 27.26
C SER B 13 -14.17 3.61 27.02
N LEU B 14 -15.33 3.34 26.44
CA LEU B 14 -15.91 1.97 26.33
C LEU B 14 -16.06 1.58 24.86
N ARG B 15 -15.53 0.41 24.51
CA ARG B 15 -15.89 -0.35 23.26
C ARG B 15 -16.51 -1.68 23.68
N CYS B 16 -17.59 -2.10 23.00
CA CYS B 16 -18.13 -3.49 23.05
C CYS B 16 -17.05 -4.43 22.54
N GLY B 17 -16.64 -5.37 23.38
CA GLY B 17 -15.55 -6.32 23.08
C GLY B 17 -16.07 -7.53 22.35
N ALA B 18 -17.40 -7.72 22.26
CA ALA B 18 -18.09 -8.88 21.64
C ALA B 18 -18.49 -8.54 20.19
N CYS B 19 -18.71 -7.25 19.88
CA CYS B 19 -18.85 -6.74 18.49
C CYS B 19 -17.52 -6.92 17.76
N ILE B 20 -17.54 -7.44 16.53
CA ILE B 20 -16.27 -7.70 15.78
C ILE B 20 -15.56 -6.38 15.49
N ARG B 21 -16.30 -5.28 15.30
CA ARG B 21 -15.70 -3.93 15.03
C ARG B 21 -15.36 -3.17 16.31
N ARG B 22 -15.65 -3.73 17.50
CA ARG B 22 -15.37 -3.11 18.82
C ARG B 22 -15.71 -1.63 18.83
N PRO B 23 -16.94 -1.24 18.47
CA PRO B 23 -17.30 0.17 18.38
C PRO B 23 -17.24 0.81 19.76
N PHE B 24 -16.79 2.07 19.86
CA PHE B 24 -17.02 2.93 21.04
C PHE B 24 -18.52 3.00 21.30
N LEU B 25 -18.94 2.69 22.54
CA LEU B 25 -20.31 2.89 23.06
C LEU B 25 -20.22 3.71 24.36
N CYS B 26 -21.07 4.72 24.52
CA CYS B 26 -21.07 5.60 25.72
C CYS B 26 -21.66 4.81 26.88
N CYS B 27 -21.37 5.29 28.09
CA CYS B 27 -21.90 4.79 29.38
C CYS B 27 -23.33 4.27 29.17
N LYS B 28 -24.22 5.01 28.50
CA LYS B 28 -25.66 4.62 28.43
C LYS B 28 -25.85 3.55 27.34
N CYS B 29 -25.25 3.75 26.15
CA CYS B 29 -25.58 2.94 24.94
C CYS B 29 -24.92 1.55 25.15
N CYS B 30 -23.74 1.49 25.80
CA CYS B 30 -23.03 0.25 26.15
C CYS B 30 -23.95 -0.62 27.02
N TYR B 31 -24.53 -0.02 28.07
CA TYR B 31 -25.55 -0.62 28.97
C TYR B 31 -26.76 -1.16 28.17
N ASP B 32 -27.42 -0.32 27.37
CA ASP B 32 -28.62 -0.79 26.63
C ASP B 32 -28.26 -1.92 25.67
N HIS B 33 -27.02 -1.94 25.15
CA HIS B 33 -26.54 -2.99 24.22
C HIS B 33 -26.26 -4.28 25.00
N VAL B 34 -25.51 -4.21 26.10
CA VAL B 34 -25.11 -5.43 26.89
C VAL B 34 -26.35 -6.09 27.51
N ILE B 35 -27.34 -5.35 28.00
CA ILE B 35 -28.49 -6.01 28.72
C ILE B 35 -29.48 -6.61 27.72
N SER B 36 -29.41 -6.24 26.45
CA SER B 36 -30.46 -6.59 25.45
C SER B 36 -29.93 -7.60 24.42
N THR B 37 -28.64 -7.97 24.50
CA THR B 37 -27.96 -8.96 23.64
C THR B 37 -27.08 -9.90 24.47
N SER B 38 -26.47 -10.90 23.82
CA SER B 38 -25.45 -11.79 24.41
C SER B 38 -24.11 -11.05 24.53
N HIS B 39 -23.96 -9.85 23.99
CA HIS B 39 -22.68 -9.11 24.10
C HIS B 39 -22.47 -8.67 25.56
N LYS B 40 -21.44 -9.16 26.26
CA LYS B 40 -21.18 -8.74 27.67
C LYS B 40 -19.71 -8.44 27.92
N LEU B 41 -18.81 -8.64 26.95
CA LEU B 41 -17.41 -8.18 27.14
C LEU B 41 -17.40 -6.69 26.78
N VAL B 42 -16.85 -5.87 27.67
CA VAL B 42 -16.75 -4.39 27.49
C VAL B 42 -15.27 -4.03 27.68
N LEU B 43 -14.76 -3.18 26.78
CA LEU B 43 -13.32 -2.82 26.71
C LEU B 43 -13.18 -1.35 27.06
N SER B 44 -12.22 -1.06 27.95
CA SER B 44 -11.71 0.29 28.28
C SER B 44 -10.20 0.28 28.16
N VAL B 45 -9.52 1.24 28.80
CA VAL B 45 -8.03 1.25 28.97
C VAL B 45 -7.58 -0.17 29.31
N ASN B 46 -8.43 -0.91 30.04
CA ASN B 46 -8.28 -2.38 30.25
C ASN B 46 -9.57 -3.07 29.81
N PRO B 47 -9.55 -4.40 29.60
CA PRO B 47 -10.78 -5.16 29.39
C PRO B 47 -11.47 -5.34 30.76
N TYR B 48 -12.78 -5.10 30.81
CA TYR B 48 -13.59 -5.40 32.00
C TYR B 48 -13.62 -6.91 32.15
N VAL B 49 -12.64 -7.44 32.87
CA VAL B 49 -12.47 -8.89 33.17
C VAL B 49 -12.03 -9.01 34.63
N CYS B 50 -12.41 -10.07 35.33
CA CYS B 50 -12.02 -10.25 36.75
C CYS B 50 -10.50 -10.45 36.81
N ASN B 51 -9.79 -9.57 37.53
CA ASN B 51 -8.30 -9.58 37.66
C ASN B 51 -7.85 -10.56 38.76
N ALA B 52 -8.75 -11.34 39.38
CA ALA B 52 -8.38 -12.42 40.31
C ALA B 52 -7.74 -13.54 39.48
N PRO B 53 -6.60 -14.14 39.92
CA PRO B 53 -5.92 -15.16 39.11
C PRO B 53 -6.73 -16.45 38.92
N GLY B 54 -6.84 -16.93 37.68
CA GLY B 54 -7.57 -18.15 37.30
C GLY B 54 -9.07 -18.03 37.48
N CYS B 55 -9.61 -16.80 37.40
CA CYS B 55 -11.06 -16.48 37.25
C CYS B 55 -11.35 -16.13 35.77
N ASP B 56 -12.45 -16.65 35.24
CA ASP B 56 -12.81 -16.51 33.80
C ASP B 56 -14.05 -15.63 33.68
N VAL B 57 -14.27 -14.67 34.59
CA VAL B 57 -15.46 -13.77 34.52
C VAL B 57 -15.11 -12.57 33.63
N THR B 58 -15.81 -12.48 32.49
CA THR B 58 -15.72 -11.42 31.45
C THR B 58 -17.02 -10.58 31.37
N ASP B 59 -18.15 -11.13 31.85
CA ASP B 59 -19.50 -10.50 31.75
C ASP B 59 -19.55 -9.24 32.62
N VAL B 60 -19.77 -8.08 32.01
CA VAL B 60 -19.70 -6.74 32.68
C VAL B 60 -20.84 -6.62 33.71
N THR B 61 -21.96 -7.34 33.53
CA THR B 61 -23.11 -7.35 34.47
C THR B 61 -22.75 -8.15 35.75
N GLN B 62 -21.63 -8.90 35.74
CA GLN B 62 -21.19 -9.77 36.86
C GLN B 62 -19.89 -9.21 37.45
N LEU B 63 -19.48 -8.00 37.08
CA LEU B 63 -18.16 -7.46 37.51
C LEU B 63 -18.34 -6.14 38.25
N TYR B 64 -17.31 -5.73 38.99
CA TYR B 64 -17.26 -4.56 39.92
C TYR B 64 -15.86 -3.93 39.88
N LEU B 65 -15.76 -2.60 39.98
CA LEU B 65 -14.48 -1.89 40.26
C LEU B 65 -14.18 -1.98 41.77
N GLY B 66 -13.10 -2.69 42.11
CA GLY B 66 -12.66 -2.95 43.50
C GLY B 66 -11.36 -2.22 43.79
N GLY B 67 -11.47 -0.92 44.06
CA GLY B 67 -10.32 0.02 44.14
C GLY B 67 -9.92 0.50 42.75
N MET B 68 -8.91 -0.15 42.16
CA MET B 68 -8.33 0.25 40.85
C MET B 68 -8.34 -0.92 39.85
N SER B 69 -8.59 -2.16 40.31
CA SER B 69 -8.72 -3.39 39.48
C SER B 69 -10.18 -3.88 39.48
N TYR B 70 -10.57 -4.68 38.48
CA TYR B 70 -11.95 -5.16 38.28
C TYR B 70 -12.07 -6.59 38.81
N TYR B 71 -13.22 -6.90 39.41
CA TYR B 71 -13.47 -8.23 40.04
C TYR B 71 -14.93 -8.64 39.83
N CYS B 72 -15.17 -9.95 39.74
CA CYS B 72 -16.52 -10.54 39.75
C CYS B 72 -17.11 -10.50 41.17
N LYS B 73 -18.25 -11.16 41.37
CA LYS B 73 -19.01 -11.15 42.65
C LYS B 73 -18.23 -11.99 43.67
N SER B 74 -17.39 -12.92 43.22
CA SER B 74 -16.66 -13.91 44.06
C SER B 74 -15.32 -13.34 44.54
N HIS B 75 -14.77 -12.37 43.83
CA HIS B 75 -13.37 -11.94 44.03
C HIS B 75 -13.28 -10.45 44.37
N LYS B 76 -14.40 -9.73 44.42
CA LYS B 76 -14.36 -8.27 44.67
C LYS B 76 -13.83 -8.06 46.09
N PRO B 77 -13.21 -6.90 46.40
CA PRO B 77 -12.99 -6.50 47.79
C PRO B 77 -14.23 -5.86 48.40
N PRO B 78 -14.29 -5.70 49.75
CA PRO B 78 -15.49 -5.23 50.42
C PRO B 78 -15.98 -3.88 49.91
N ILE B 79 -15.04 -2.96 49.64
CA ILE B 79 -15.30 -1.62 49.02
C ILE B 79 -15.15 -1.76 47.50
N SER B 80 -16.27 -1.89 46.77
CA SER B 80 -16.36 -1.93 45.29
C SER B 80 -17.67 -1.32 44.82
N PHE B 81 -17.82 -1.07 43.52
CA PHE B 81 -19.11 -0.66 42.91
C PHE B 81 -19.29 -1.34 41.56
N PRO B 82 -20.53 -1.74 41.21
CA PRO B 82 -20.75 -2.54 40.00
C PRO B 82 -20.36 -1.70 38.78
N LEU B 83 -19.76 -2.32 37.75
CA LEU B 83 -19.46 -1.61 36.47
C LEU B 83 -20.77 -1.26 35.76
N CYS B 84 -21.80 -2.07 35.99
CA CYS B 84 -23.07 -2.10 35.22
C CYS B 84 -24.27 -1.86 36.12
N ALA B 85 -24.64 -0.62 36.40
CA ALA B 85 -25.87 -0.30 37.16
C ALA B 85 -26.41 1.07 36.75
N ASN B 86 -27.71 1.35 36.98
CA ASN B 86 -28.29 2.69 36.80
C ASN B 86 -28.49 3.02 35.31
N GLY B 87 -28.61 2.01 34.44
CA GLY B 87 -28.76 2.21 32.99
C GLY B 87 -27.47 2.74 32.36
N GLN B 88 -26.35 2.55 33.04
CA GLN B 88 -25.03 2.99 32.58
C GLN B 88 -24.00 1.91 32.89
N VAL B 89 -23.00 1.78 32.02
CA VAL B 89 -21.76 0.98 32.27
C VAL B 89 -20.69 1.98 32.68
N PHE B 90 -19.77 1.56 33.54
CA PHE B 90 -18.77 2.47 34.15
C PHE B 90 -17.62 2.72 33.16
N GLY B 91 -17.45 3.98 32.76
CA GLY B 91 -16.25 4.53 32.11
C GLY B 91 -16.24 6.06 32.11
N LEU B 92 -15.17 6.68 31.59
CA LEU B 92 -14.99 8.15 31.40
C LEU B 92 -16.25 8.80 30.81
N TYR B 93 -16.38 10.12 31.02
CA TYR B 93 -17.40 11.00 30.41
C TYR B 93 -18.82 10.52 30.76
N LYS B 94 -18.99 9.99 31.98
CA LYS B 94 -20.27 9.52 32.60
C LYS B 94 -21.31 10.65 32.61
N ASN B 95 -20.83 11.91 32.67
CA ASN B 95 -21.64 13.16 32.77
C ASN B 95 -22.19 13.56 31.38
N THR B 96 -21.39 13.43 30.30
CA THR B 96 -21.77 13.66 28.87
C THR B 96 -22.21 12.33 28.23
N CYS B 97 -23.53 12.13 28.11
CA CYS B 97 -24.18 10.81 27.90
C CYS B 97 -25.66 11.01 27.56
N VAL B 98 -26.06 10.81 26.30
CA VAL B 98 -27.41 11.19 25.79
C VAL B 98 -28.32 9.97 25.58
N GLY B 99 -27.79 8.85 25.05
CA GLY B 99 -28.55 7.60 24.83
C GLY B 99 -29.35 7.64 23.54
N SER B 100 -30.29 6.69 23.36
CA SER B 100 -31.18 6.56 22.17
C SER B 100 -32.53 6.00 22.58
N ASP B 101 -33.58 6.27 21.79
CA ASP B 101 -34.99 5.94 22.11
C ASP B 101 -35.26 4.45 21.80
N ASN B 102 -34.53 3.88 20.83
CA ASN B 102 -34.48 2.43 20.51
C ASN B 102 -33.08 2.09 19.97
N VAL B 103 -32.37 1.21 20.66
CA VAL B 103 -30.99 0.70 20.34
C VAL B 103 -31.14 -0.57 19.49
N THR B 104 -32.39 -0.88 19.11
CA THR B 104 -32.83 -2.15 18.48
C THR B 104 -32.06 -2.44 17.18
N ASP B 105 -31.94 -1.48 16.26
CA ASP B 105 -31.25 -1.62 14.94
C ASP B 105 -29.75 -1.86 15.13
N PHE B 106 -29.12 -1.17 16.08
CA PHE B 106 -27.67 -1.38 16.37
C PHE B 106 -27.43 -2.82 16.85
N ASN B 107 -28.31 -3.36 17.68
CA ASN B 107 -28.25 -4.75 18.21
C ASN B 107 -28.39 -5.74 17.03
N ALA B 108 -29.39 -5.54 16.18
CA ALA B 108 -29.63 -6.41 15.00
C ALA B 108 -28.38 -6.38 14.10
N ILE B 109 -27.77 -5.22 13.89
CA ILE B 109 -26.55 -5.08 13.03
C ILE B 109 -25.41 -5.79 13.74
N ALA B 110 -25.31 -5.66 15.05
CA ALA B 110 -24.11 -6.07 15.81
C ALA B 110 -24.09 -7.59 15.90
N THR B 111 -25.26 -8.21 15.77
CA THR B 111 -25.52 -9.63 16.11
C THR B 111 -25.96 -10.48 14.91
N CYS B 112 -26.35 -9.91 13.76
CA CYS B 112 -26.84 -10.71 12.61
C CYS B 112 -25.67 -11.43 11.95
N ASP B 113 -25.92 -12.52 11.24
CA ASP B 113 -24.83 -13.30 10.56
C ASP B 113 -24.71 -12.93 9.06
N TRP B 114 -25.54 -11.99 8.57
CA TRP B 114 -25.48 -11.43 7.19
C TRP B 114 -25.85 -12.48 6.12
N THR B 115 -26.66 -13.50 6.45
CA THR B 115 -27.05 -14.59 5.49
C THR B 115 -28.44 -14.28 4.92
N ASN B 116 -29.22 -13.43 5.60
CA ASN B 116 -30.60 -13.03 5.18
C ASN B 116 -30.59 -11.62 4.54
N ALA B 117 -31.36 -11.46 3.47
CA ALA B 117 -31.55 -10.17 2.78
C ALA B 117 -31.97 -9.09 3.78
N GLY B 118 -32.77 -9.45 4.81
CA GLY B 118 -33.29 -8.51 5.82
C GLY B 118 -32.16 -7.74 6.52
N ASP B 119 -30.98 -8.36 6.60
CA ASP B 119 -29.79 -7.77 7.26
C ASP B 119 -29.29 -6.57 6.44
N TYR B 120 -29.33 -6.70 5.10
CA TYR B 120 -28.84 -5.73 4.10
C TYR B 120 -29.89 -4.62 3.95
N ILE B 121 -31.16 -4.97 4.07
CA ILE B 121 -32.27 -3.98 4.10
C ILE B 121 -32.06 -3.06 5.30
N LEU B 122 -31.86 -3.62 6.48
CA LEU B 122 -31.62 -2.80 7.68
C LEU B 122 -30.37 -1.93 7.47
N ALA B 123 -29.31 -2.49 6.89
CA ALA B 123 -27.99 -1.81 6.77
C ALA B 123 -28.14 -0.62 5.82
N ASN B 124 -29.24 -0.58 5.08
CA ASN B 124 -29.42 0.45 4.03
C ASN B 124 -30.63 1.31 4.33
N THR B 125 -31.35 1.09 5.45
CA THR B 125 -32.50 1.94 5.86
C THR B 125 -32.26 2.56 7.24
N CYS B 126 -31.24 2.12 7.97
CA CYS B 126 -30.92 2.65 9.32
C CYS B 126 -30.36 4.06 9.18
N THR B 127 -29.94 4.67 10.27
CA THR B 127 -29.31 6.02 10.28
C THR B 127 -27.93 5.91 9.63
N GLU B 128 -27.33 7.04 9.28
CA GLU B 128 -26.11 7.10 8.46
C GLU B 128 -24.95 6.50 9.27
N ARG B 129 -24.91 6.80 10.56
CA ARG B 129 -23.79 6.33 11.41
C ARG B 129 -23.84 4.80 11.53
N LEU B 130 -25.03 4.22 11.52
CA LEU B 130 -25.25 2.76 11.53
C LEU B 130 -25.09 2.17 10.12
N LYS B 131 -25.28 2.94 9.05
CA LYS B 131 -24.87 2.46 7.70
C LYS B 131 -23.36 2.15 7.71
N LEU B 132 -22.55 3.03 8.30
CA LEU B 132 -21.09 2.85 8.37
C LEU B 132 -20.78 1.63 9.24
N PHE B 133 -21.31 1.60 10.46
CA PHE B 133 -21.12 0.49 11.41
C PHE B 133 -21.49 -0.81 10.68
N ALA B 134 -22.66 -0.87 10.04
CA ALA B 134 -23.14 -2.10 9.36
C ALA B 134 -22.16 -2.46 8.22
N ALA B 135 -21.67 -1.46 7.49
CA ALA B 135 -20.78 -1.65 6.33
C ALA B 135 -19.46 -2.24 6.83
N GLU B 136 -18.88 -1.66 7.89
CA GLU B 136 -17.64 -2.21 8.50
C GLU B 136 -17.90 -3.64 9.01
N THR B 137 -19.02 -3.84 9.70
CA THR B 137 -19.34 -5.10 10.41
C THR B 137 -19.50 -6.20 9.35
N LEU B 138 -20.20 -5.88 8.27
CA LEU B 138 -20.44 -6.80 7.13
C LEU B 138 -19.12 -7.15 6.44
N LYS B 139 -18.31 -6.15 6.16
CA LYS B 139 -17.05 -6.37 5.42
C LYS B 139 -16.09 -7.19 6.27
N ALA B 140 -16.05 -6.94 7.58
CA ALA B 140 -15.20 -7.71 8.51
C ALA B 140 -15.71 -9.15 8.59
N THR B 141 -17.03 -9.38 8.66
CA THR B 141 -17.62 -10.75 8.67
C THR B 141 -17.24 -11.46 7.36
N GLU B 142 -17.29 -10.75 6.23
CA GLU B 142 -16.98 -11.31 4.88
C GLU B 142 -15.52 -11.78 4.86
N GLU B 143 -14.57 -10.97 5.32
CA GLU B 143 -13.12 -11.24 5.23
C GLU B 143 -12.77 -12.41 6.14
N THR B 144 -13.35 -12.46 7.34
CA THR B 144 -13.10 -13.50 8.37
C THR B 144 -13.69 -14.83 7.88
N PHE B 145 -14.82 -14.78 7.17
CA PHE B 145 -15.50 -15.98 6.65
C PHE B 145 -14.63 -16.66 5.57
N LYS B 146 -13.77 -15.93 4.85
CA LYS B 146 -12.80 -16.52 3.89
C LYS B 146 -11.81 -17.47 4.60
N LEU B 147 -11.39 -17.16 5.84
CA LEU B 147 -10.49 -17.98 6.71
C LEU B 147 -11.21 -19.26 7.16
N SER B 148 -12.54 -19.32 7.10
CA SER B 148 -13.32 -20.53 7.51
C SER B 148 -13.04 -21.65 6.51
N TYR B 149 -12.56 -21.29 5.32
CA TYR B 149 -12.33 -22.23 4.20
C TYR B 149 -10.97 -22.91 4.36
N GLY B 150 -10.92 -24.18 3.98
CA GLY B 150 -9.68 -24.97 4.07
C GLY B 150 -8.70 -24.54 3.01
N ILE B 151 -7.42 -24.80 3.27
CA ILE B 151 -6.29 -24.59 2.33
C ILE B 151 -6.42 -25.62 1.22
N ALA B 152 -6.20 -25.24 -0.04
CA ALA B 152 -6.01 -26.19 -1.16
C ALA B 152 -4.50 -26.36 -1.42
N THR B 153 -4.03 -27.59 -1.62
CA THR B 153 -2.60 -27.92 -1.81
C THR B 153 -2.48 -28.79 -3.06
N VAL B 154 -1.50 -28.49 -3.92
CA VAL B 154 -1.19 -29.24 -5.17
C VAL B 154 -0.67 -30.62 -4.77
N ARG B 155 -1.49 -31.65 -5.04
CA ARG B 155 -1.13 -33.06 -4.77
C ARG B 155 -0.27 -33.58 -5.93
N GLU B 156 -0.64 -33.22 -7.16
CA GLU B 156 -0.10 -33.83 -8.41
C GLU B 156 -0.37 -32.84 -9.54
N VAL B 157 0.66 -32.28 -10.15
CA VAL B 157 0.49 -31.39 -11.34
C VAL B 157 0.13 -32.28 -12.54
N LEU B 158 -1.16 -32.48 -12.79
CA LEU B 158 -1.66 -33.42 -13.83
C LEU B 158 -1.07 -33.03 -15.19
N SER B 159 -1.18 -31.76 -15.55
CA SER B 159 -0.62 -31.15 -16.79
C SER B 159 -0.49 -29.65 -16.58
N ASP B 160 -0.38 -28.88 -17.67
CA ASP B 160 -0.52 -27.40 -17.67
C ASP B 160 -2.04 -27.11 -17.59
N ARG B 161 -2.42 -25.95 -17.05
CA ARG B 161 -3.83 -25.46 -16.98
C ARG B 161 -4.74 -26.40 -16.17
N GLU B 162 -4.24 -27.53 -15.63
CA GLU B 162 -5.04 -28.52 -14.84
C GLU B 162 -4.22 -29.12 -13.68
N LEU B 163 -4.86 -29.29 -12.51
CA LEU B 163 -4.20 -29.69 -11.23
C LEU B 163 -5.02 -30.75 -10.47
N HIS B 164 -4.34 -31.41 -9.53
CA HIS B 164 -4.90 -32.26 -8.45
C HIS B 164 -4.70 -31.54 -7.11
N LEU B 165 -5.80 -31.13 -6.47
CA LEU B 165 -5.77 -30.45 -5.16
C LEU B 165 -6.15 -31.45 -4.05
N SER B 166 -5.37 -31.44 -2.97
CA SER B 166 -5.74 -32.00 -1.66
C SER B 166 -6.26 -30.84 -0.77
N TRP B 167 -7.31 -31.09 0.03
CA TRP B 167 -8.04 -30.05 0.81
C TRP B 167 -7.87 -30.31 2.31
N GLU B 168 -7.74 -29.23 3.08
CA GLU B 168 -7.66 -29.24 4.56
C GLU B 168 -8.90 -30.00 5.09
N VAL B 169 -8.69 -30.91 6.04
CA VAL B 169 -9.75 -31.72 6.70
C VAL B 169 -10.38 -30.86 7.81
N GLY B 170 -11.70 -30.91 7.98
CA GLY B 170 -12.38 -30.25 9.11
C GLY B 170 -12.74 -28.82 8.80
N LYS B 171 -12.40 -28.31 7.61
CA LYS B 171 -12.80 -26.96 7.13
C LYS B 171 -13.51 -27.13 5.79
N PRO B 172 -14.64 -26.44 5.53
CA PRO B 172 -15.30 -26.54 4.23
C PRO B 172 -14.40 -26.02 3.10
N ARG B 173 -14.74 -26.39 1.86
CA ARG B 173 -14.06 -25.99 0.60
C ARG B 173 -14.85 -24.82 -0.01
N PRO B 174 -14.19 -23.74 -0.48
CA PRO B 174 -14.89 -22.64 -1.14
C PRO B 174 -15.49 -23.09 -2.48
N PRO B 175 -16.50 -22.36 -2.99
CA PRO B 175 -16.94 -22.52 -4.38
C PRO B 175 -15.79 -22.29 -5.35
N LEU B 176 -15.78 -23.03 -6.47
CA LEU B 176 -14.74 -22.96 -7.53
C LEU B 176 -15.32 -22.24 -8.75
N ASN B 177 -15.35 -20.91 -8.72
CA ASN B 177 -15.79 -20.03 -9.85
C ASN B 177 -15.02 -18.70 -9.79
N ARG B 178 -15.13 -17.89 -10.86
CA ARG B 178 -14.38 -16.62 -11.06
C ARG B 178 -14.72 -15.63 -9.92
N ASN B 179 -15.73 -15.95 -9.10
CA ASN B 179 -16.13 -15.16 -7.90
C ASN B 179 -15.12 -15.33 -6.75
N TYR B 180 -14.36 -16.43 -6.74
CA TYR B 180 -13.36 -16.73 -5.68
C TYR B 180 -11.96 -16.72 -6.30
N VAL B 181 -11.14 -15.74 -5.91
CA VAL B 181 -9.75 -15.55 -6.41
C VAL B 181 -8.80 -15.97 -5.28
N PHE B 182 -7.91 -16.92 -5.59
CA PHE B 182 -6.99 -17.57 -4.61
C PHE B 182 -5.65 -16.85 -4.67
N THR B 183 -4.71 -17.25 -3.81
CA THR B 183 -3.29 -16.83 -3.84
C THR B 183 -2.40 -18.04 -3.62
N GLY B 184 -1.59 -18.37 -4.61
CA GLY B 184 -0.58 -19.43 -4.52
C GLY B 184 0.49 -19.05 -3.52
N TYR B 185 1.31 -20.02 -3.15
CA TYR B 185 2.39 -19.88 -2.14
C TYR B 185 3.31 -21.09 -2.28
N ARG B 186 4.64 -20.88 -2.28
CA ARG B 186 5.68 -21.95 -2.33
C ARG B 186 6.31 -22.11 -0.95
N VAL B 187 6.48 -23.35 -0.49
CA VAL B 187 6.93 -23.67 0.90
C VAL B 187 8.43 -23.34 0.96
N THR B 188 8.81 -22.21 1.59
CA THR B 188 10.23 -21.72 1.69
C THR B 188 10.88 -22.35 2.94
N LYS B 189 12.21 -22.31 2.99
CA LYS B 189 13.03 -22.82 4.12
C LYS B 189 12.24 -22.68 5.43
N ASN B 190 11.81 -21.45 5.76
CA ASN B 190 11.25 -21.08 7.08
C ASN B 190 9.99 -20.22 6.98
N SER B 191 9.43 -20.01 5.77
CA SER B 191 8.17 -19.22 5.56
C SER B 191 7.48 -19.60 4.24
N LYS B 192 6.70 -18.68 3.66
CA LYS B 192 5.88 -18.88 2.43
C LYS B 192 6.06 -17.67 1.51
N VAL B 193 6.20 -17.90 0.20
CA VAL B 193 6.40 -16.82 -0.82
C VAL B 193 5.22 -16.78 -1.81
N GLN B 194 4.51 -15.63 -1.85
CA GLN B 194 3.37 -15.36 -2.77
C GLN B 194 3.82 -15.74 -4.19
N ILE B 195 2.97 -16.45 -4.93
CA ILE B 195 3.26 -16.93 -6.31
C ILE B 195 2.07 -16.51 -7.22
N GLY B 196 1.51 -15.33 -6.95
CA GLY B 196 0.45 -14.70 -7.77
C GLY B 196 -0.92 -15.26 -7.48
N GLU B 197 -1.98 -14.48 -7.76
CA GLU B 197 -3.40 -14.89 -7.53
C GLU B 197 -3.80 -15.96 -8.56
N TYR B 198 -4.89 -16.70 -8.30
CA TYR B 198 -5.37 -17.83 -9.14
C TYR B 198 -6.89 -17.98 -8.98
N THR B 199 -7.59 -18.38 -10.05
CA THR B 199 -9.02 -18.84 -10.03
C THR B 199 -9.08 -20.29 -10.49
N PHE B 200 -10.09 -21.04 -10.03
CA PHE B 200 -10.27 -22.48 -10.31
C PHE B 200 -11.70 -22.75 -10.77
N GLU B 201 -11.83 -23.73 -11.67
CA GLU B 201 -13.08 -24.37 -12.15
C GLU B 201 -12.88 -25.90 -12.18
N LYS B 202 -13.95 -26.70 -11.99
CA LYS B 202 -13.93 -28.19 -11.96
C LYS B 202 -13.30 -28.73 -13.25
N GLY B 203 -12.73 -29.93 -13.22
CA GLY B 203 -12.13 -30.60 -14.40
C GLY B 203 -13.00 -31.75 -14.91
N ALA B 208 -9.42 -32.86 -9.20
CA ALA B 208 -9.18 -32.66 -10.65
C ALA B 208 -9.73 -31.29 -11.10
N VAL B 209 -8.90 -30.23 -11.07
CA VAL B 209 -9.33 -28.81 -11.22
C VAL B 209 -8.56 -28.11 -12.34
N VAL B 210 -9.13 -27.01 -12.84
CA VAL B 210 -8.58 -26.16 -13.95
C VAL B 210 -8.23 -24.78 -13.40
N TYR B 211 -6.98 -24.32 -13.58
CA TYR B 211 -6.47 -23.07 -12.94
C TYR B 211 -6.19 -21.99 -13.99
N ARG B 212 -6.79 -20.80 -13.82
CA ARG B 212 -6.51 -19.57 -14.62
C ARG B 212 -5.79 -18.54 -13.74
N GLY B 213 -4.45 -18.56 -13.73
CA GLY B 213 -3.62 -17.79 -12.78
C GLY B 213 -3.31 -16.36 -13.25
N THR B 214 -3.21 -15.42 -12.28
CA THR B 214 -2.88 -13.96 -12.44
C THR B 214 -1.42 -13.75 -12.85
N THR B 215 -0.69 -14.83 -13.13
CA THR B 215 0.64 -14.85 -13.79
C THR B 215 0.82 -16.23 -14.41
N THR B 216 1.97 -16.48 -15.03
CA THR B 216 2.37 -17.81 -15.56
C THR B 216 3.51 -18.33 -14.69
N TYR B 217 3.42 -19.61 -14.27
CA TYR B 217 4.42 -20.31 -13.41
C TYR B 217 4.48 -21.77 -13.85
N LYS B 218 5.47 -22.50 -13.34
CA LYS B 218 5.56 -23.99 -13.42
C LYS B 218 5.27 -24.54 -12.02
N LEU B 219 4.06 -24.34 -11.51
CA LEU B 219 3.69 -24.65 -10.10
C LEU B 219 3.91 -26.15 -9.84
N ASN B 220 4.48 -26.45 -8.67
CA ASN B 220 4.99 -27.79 -8.28
C ASN B 220 4.16 -28.28 -7.08
N VAL B 221 4.07 -29.60 -6.92
CA VAL B 221 3.40 -30.29 -5.77
C VAL B 221 3.78 -29.60 -4.45
N GLY B 222 2.84 -29.49 -3.52
CA GLY B 222 3.07 -28.90 -2.19
C GLY B 222 2.81 -27.41 -2.16
N ASP B 223 2.70 -26.76 -3.33
CA ASP B 223 2.22 -25.35 -3.46
C ASP B 223 0.77 -25.30 -2.97
N TYR B 224 0.34 -24.19 -2.37
CA TYR B 224 -0.98 -24.11 -1.70
C TYR B 224 -1.62 -22.76 -2.00
N PHE B 225 -2.95 -22.73 -1.85
CA PHE B 225 -3.83 -21.64 -2.30
C PHE B 225 -4.83 -21.30 -1.21
N VAL B 226 -4.97 -20.02 -0.92
CA VAL B 226 -5.91 -19.49 0.11
C VAL B 226 -6.50 -18.21 -0.48
N LEU B 227 -7.77 -17.99 -0.19
CA LEU B 227 -8.45 -16.73 -0.51
C LEU B 227 -7.84 -15.61 0.34
N THR B 228 -7.10 -14.70 -0.28
CA THR B 228 -6.47 -13.55 0.42
C THR B 228 -7.59 -12.70 1.04
N SER B 229 -7.44 -12.40 2.33
CA SER B 229 -8.42 -11.63 3.13
C SER B 229 -7.68 -10.46 3.80
N HIS B 230 -8.17 -9.25 3.56
CA HIS B 230 -7.49 -7.99 3.95
C HIS B 230 -8.10 -7.43 5.24
N THR B 231 -7.32 -6.57 5.91
CA THR B 231 -7.73 -5.71 7.05
C THR B 231 -8.84 -4.77 6.57
N VAL B 232 -9.97 -4.71 7.30
CA VAL B 232 -11.08 -3.77 7.05
C VAL B 232 -10.84 -2.55 7.95
N MET B 233 -10.71 -1.36 7.38
CA MET B 233 -10.46 -0.11 8.15
C MET B 233 -11.78 0.48 8.61
N PRO B 234 -11.78 1.34 9.67
CA PRO B 234 -13.00 1.97 10.15
C PRO B 234 -13.47 3.03 9.16
N LEU B 235 -14.75 3.34 9.19
CA LEU B 235 -15.39 4.31 8.27
C LEU B 235 -15.68 5.57 9.07
N SER B 236 -15.47 6.72 8.47
CA SER B 236 -15.74 8.04 9.10
C SER B 236 -16.72 8.83 8.24
N ALA B 237 -16.54 8.86 6.91
CA ALA B 237 -17.37 9.67 5.98
C ALA B 237 -18.73 8.99 5.71
N PRO B 238 -19.81 9.79 5.55
CA PRO B 238 -21.11 9.23 5.17
C PRO B 238 -21.07 8.60 3.78
N THR B 239 -22.11 7.84 3.42
CA THR B 239 -22.17 7.15 2.11
C THR B 239 -22.56 8.16 1.01
N LEU B 240 -23.30 9.20 1.40
CA LEU B 240 -23.60 10.41 0.60
C LEU B 240 -23.34 11.66 1.43
N VAL B 241 -22.66 12.65 0.86
CA VAL B 241 -22.52 14.00 1.48
C VAL B 241 -23.93 14.56 1.50
N PRO B 242 -24.21 15.60 2.31
CA PRO B 242 -25.55 16.19 2.28
C PRO B 242 -25.74 16.88 0.92
N GLN B 243 -26.88 16.65 0.30
CA GLN B 243 -27.23 17.24 -1.00
C GLN B 243 -27.28 18.77 -0.87
N GLU B 244 -26.88 19.43 -1.95
CA GLU B 244 -27.05 20.89 -2.14
C GLU B 244 -27.49 21.16 -3.58
N HIS B 245 -28.56 21.92 -3.78
CA HIS B 245 -28.99 22.41 -5.11
C HIS B 245 -28.60 23.89 -5.25
N TYR B 246 -28.29 24.28 -6.48
CA TYR B 246 -27.71 25.61 -6.79
C TYR B 246 -28.57 26.24 -7.88
N VAL B 247 -28.45 27.55 -8.01
CA VAL B 247 -29.27 28.40 -8.94
C VAL B 247 -28.40 28.64 -10.19
N ARG B 248 -27.09 28.40 -10.08
CA ARG B 248 -26.06 28.55 -11.13
C ARG B 248 -25.12 27.35 -11.07
N ILE B 249 -24.47 27.03 -12.19
CA ILE B 249 -23.32 26.09 -12.23
C ILE B 249 -22.27 26.68 -11.30
N THR B 250 -21.74 25.86 -10.39
CA THR B 250 -20.87 26.28 -9.27
C THR B 250 -19.50 25.68 -9.46
N GLY B 251 -18.47 26.53 -9.48
CA GLY B 251 -17.07 26.10 -9.42
C GLY B 251 -16.57 25.45 -10.70
N LEU B 252 -17.40 25.48 -11.76
CA LEU B 252 -17.12 24.83 -13.06
C LEU B 252 -17.35 25.87 -14.17
N TYR B 253 -16.55 25.84 -15.23
CA TYR B 253 -16.60 26.84 -16.34
C TYR B 253 -16.89 26.11 -17.65
N PRO B 254 -18.15 26.09 -18.12
CA PRO B 254 -18.51 25.34 -19.30
C PRO B 254 -17.81 25.86 -20.56
N THR B 255 -17.42 24.95 -21.44
CA THR B 255 -16.79 25.27 -22.74
C THR B 255 -17.76 26.11 -23.58
N LEU B 256 -17.24 26.88 -24.53
CA LEU B 256 -18.10 27.64 -25.51
C LEU B 256 -18.35 26.79 -26.77
N ASN B 257 -17.36 25.97 -27.16
CA ASN B 257 -17.37 25.08 -28.34
C ASN B 257 -17.32 23.64 -27.84
N ILE B 258 -18.32 22.83 -28.16
CA ILE B 258 -18.33 21.37 -27.87
C ILE B 258 -18.58 20.60 -29.17
N SER B 259 -18.09 19.38 -29.24
CA SER B 259 -18.33 18.44 -30.37
C SER B 259 -19.77 17.95 -30.34
N ASP B 260 -20.43 17.81 -31.49
CA ASP B 260 -21.80 17.21 -31.62
C ASP B 260 -21.83 15.75 -31.13
N GLU B 261 -20.66 15.20 -30.80
CA GLU B 261 -20.52 13.85 -30.18
C GLU B 261 -21.03 13.86 -28.74
N PHE B 262 -20.93 14.99 -28.03
CA PHE B 262 -21.30 15.14 -26.59
C PHE B 262 -22.47 16.10 -26.38
N SER B 263 -23.05 16.63 -27.46
CA SER B 263 -24.10 17.68 -27.42
C SER B 263 -25.37 17.14 -26.73
N SER B 264 -25.70 15.87 -26.93
CA SER B 264 -26.86 15.19 -26.28
C SER B 264 -26.76 15.27 -24.75
N ASN B 265 -25.58 15.47 -24.19
CA ASN B 265 -25.40 15.44 -22.72
C ASN B 265 -25.23 16.85 -22.13
N VAL B 266 -25.31 17.91 -22.93
CA VAL B 266 -24.99 19.29 -22.43
C VAL B 266 -25.97 19.68 -21.30
N ALA B 267 -27.28 19.49 -21.46
CA ALA B 267 -28.27 19.69 -20.37
C ALA B 267 -27.85 18.88 -19.14
N ASN B 268 -27.54 17.59 -19.30
CA ASN B 268 -27.14 16.72 -18.14
C ASN B 268 -25.88 17.29 -17.47
N TYR B 269 -24.92 17.79 -18.25
CA TYR B 269 -23.63 18.29 -17.72
C TYR B 269 -23.88 19.56 -16.91
N GLN B 270 -24.91 20.32 -17.31
CA GLN B 270 -25.28 21.56 -16.61
C GLN B 270 -25.90 21.14 -15.28
N LYS B 271 -26.81 20.18 -15.30
CA LYS B 271 -27.43 19.63 -14.06
C LYS B 271 -26.32 19.24 -13.09
N VAL B 272 -25.24 18.64 -13.59
CA VAL B 272 -24.13 18.15 -12.74
C VAL B 272 -23.54 19.34 -11.99
N GLY B 273 -23.47 20.50 -12.66
CA GLY B 273 -22.83 21.70 -12.09
C GLY B 273 -23.76 22.42 -11.12
N MET B 274 -25.03 22.03 -11.09
CA MET B 274 -26.08 22.75 -10.32
C MET B 274 -26.60 21.94 -9.11
N GLN B 275 -25.95 20.84 -8.75
CA GLN B 275 -26.17 20.16 -7.46
C GLN B 275 -24.85 19.55 -7.02
N LYS B 276 -24.77 19.18 -5.74
CA LYS B 276 -23.51 18.71 -5.11
C LYS B 276 -23.20 17.30 -5.64
N TYR B 277 -24.21 16.47 -5.76
CA TYR B 277 -24.07 15.12 -6.31
C TYR B 277 -25.30 14.88 -7.17
N SER B 278 -25.09 14.06 -8.20
CA SER B 278 -26.12 13.71 -9.19
C SER B 278 -25.96 12.22 -9.53
N THR B 279 -27.08 11.59 -9.83
CA THR B 279 -27.15 10.17 -10.20
C THR B 279 -27.42 10.14 -11.71
N LEU B 280 -26.72 9.28 -12.45
CA LEU B 280 -26.99 9.00 -13.89
C LEU B 280 -27.28 7.51 -14.02
N GLN B 281 -28.53 7.18 -14.35
CA GLN B 281 -28.90 5.81 -14.75
C GLN B 281 -28.58 5.68 -16.24
N GLY B 282 -27.63 4.82 -16.56
CA GLY B 282 -27.31 4.47 -17.96
C GLY B 282 -27.54 2.99 -18.21
N PRO B 283 -28.71 2.64 -18.78
CA PRO B 283 -28.98 1.28 -19.24
C PRO B 283 -27.90 0.76 -20.16
N PRO B 284 -27.96 -0.51 -20.56
CA PRO B 284 -26.92 -1.09 -21.41
C PRO B 284 -26.79 -0.32 -22.73
N GLY B 285 -25.56 0.08 -23.09
CA GLY B 285 -25.20 0.62 -24.42
C GLY B 285 -25.75 2.03 -24.66
N THR B 286 -26.05 2.77 -23.61
CA THR B 286 -26.67 4.11 -23.71
C THR B 286 -25.56 5.16 -23.64
N GLY B 287 -24.35 4.82 -23.17
CA GLY B 287 -23.18 5.72 -23.28
C GLY B 287 -22.70 6.31 -21.95
N LYS B 288 -22.53 5.47 -20.92
CA LYS B 288 -22.04 5.89 -19.60
C LYS B 288 -20.63 6.49 -19.73
N SER B 289 -19.72 5.79 -20.40
CA SER B 289 -18.27 6.17 -20.51
C SER B 289 -18.17 7.45 -21.32
N HIS B 290 -18.89 7.49 -22.41
CA HIS B 290 -18.97 8.67 -23.29
C HIS B 290 -19.39 9.87 -22.43
N PHE B 291 -20.48 9.71 -21.66
CA PHE B 291 -20.98 10.75 -20.72
C PHE B 291 -19.85 11.21 -19.82
N ALA B 292 -19.18 10.25 -19.18
CA ALA B 292 -18.18 10.47 -18.14
C ALA B 292 -17.00 11.25 -18.72
N ILE B 293 -16.51 10.89 -19.91
CA ILE B 293 -15.34 11.58 -20.54
C ILE B 293 -15.79 12.93 -21.07
N GLY B 294 -16.99 12.99 -21.63
CA GLY B 294 -17.54 14.22 -22.24
C GLY B 294 -17.68 15.35 -21.22
N LEU B 295 -17.84 14.97 -19.96
CA LEU B 295 -17.98 15.94 -18.85
C LEU B 295 -16.66 16.72 -18.74
N ALA B 296 -15.52 16.09 -19.05
CA ALA B 296 -14.20 16.75 -19.00
C ALA B 296 -14.09 17.80 -20.12
N LEU B 297 -14.61 17.44 -21.29
CA LEU B 297 -14.59 18.32 -22.48
C LEU B 297 -15.53 19.50 -22.23
N TYR B 298 -16.60 19.29 -21.48
CA TYR B 298 -17.61 20.35 -21.25
C TYR B 298 -17.11 21.30 -20.18
N TYR B 299 -16.36 20.80 -19.20
CA TYR B 299 -15.72 21.60 -18.12
C TYR B 299 -14.20 21.47 -18.27
N PRO B 300 -13.63 22.05 -19.35
CA PRO B 300 -12.25 21.77 -19.75
C PRO B 300 -11.18 21.99 -18.67
N SER B 301 -11.39 22.93 -17.74
CA SER B 301 -10.36 23.31 -16.73
C SER B 301 -10.58 22.49 -15.45
N ALA B 302 -11.73 21.81 -15.33
CA ALA B 302 -12.10 21.03 -14.13
C ALA B 302 -11.12 19.88 -13.93
N ARG B 303 -10.69 19.68 -12.69
CA ARG B 303 -9.93 18.49 -12.24
C ARG B 303 -10.94 17.39 -11.90
N ILE B 304 -10.79 16.23 -12.53
CA ILE B 304 -11.78 15.11 -12.43
C ILE B 304 -11.02 13.87 -12.02
N VAL B 305 -11.44 13.31 -10.89
CA VAL B 305 -11.05 11.97 -10.41
C VAL B 305 -12.14 11.02 -10.87
N TYR B 306 -11.78 10.10 -11.75
CA TYR B 306 -12.62 8.99 -12.24
C TYR B 306 -12.31 7.76 -11.38
N THR B 307 -13.33 7.20 -10.73
CA THR B 307 -13.16 6.06 -9.82
C THR B 307 -14.26 5.07 -10.11
N ALA B 308 -14.04 3.84 -9.68
CA ALA B 308 -14.96 2.68 -9.69
C ALA B 308 -14.34 1.57 -8.81
N CYS B 309 -15.09 0.51 -8.54
CA CYS B 309 -14.63 -0.55 -7.63
C CYS B 309 -13.56 -1.39 -8.32
N SER B 310 -13.74 -1.68 -9.61
CA SER B 310 -12.92 -2.70 -10.32
C SER B 310 -11.91 -2.01 -11.23
N HIS B 311 -10.71 -2.58 -11.30
CA HIS B 311 -9.68 -2.21 -12.30
C HIS B 311 -10.31 -2.18 -13.71
N ALA B 312 -11.14 -3.15 -14.09
CA ALA B 312 -11.75 -3.20 -15.44
C ALA B 312 -12.56 -1.92 -15.67
N ALA B 313 -13.37 -1.51 -14.68
CA ALA B 313 -14.27 -0.35 -14.83
C ALA B 313 -13.41 0.90 -14.94
N VAL B 314 -12.36 0.98 -14.14
CA VAL B 314 -11.44 2.14 -14.23
C VAL B 314 -10.78 2.13 -15.60
N ASP B 315 -10.34 0.95 -16.09
CA ASP B 315 -9.52 0.83 -17.32
C ASP B 315 -10.38 1.25 -18.51
N ALA B 316 -11.65 0.84 -18.52
CA ALA B 316 -12.62 1.20 -19.56
C ALA B 316 -12.79 2.73 -19.59
N LEU B 317 -12.78 3.38 -18.42
CA LEU B 317 -12.81 4.87 -18.39
C LEU B 317 -11.51 5.41 -19.03
N CYS B 318 -10.35 4.86 -18.68
CA CYS B 318 -9.05 5.23 -19.30
C CYS B 318 -9.09 5.06 -20.82
N GLU B 319 -9.69 3.98 -21.33
CA GLU B 319 -9.69 3.67 -22.77
C GLU B 319 -10.45 4.78 -23.49
N LYS B 320 -11.66 5.09 -23.01
CA LYS B 320 -12.50 6.20 -23.53
C LYS B 320 -11.70 7.50 -23.37
N ALA B 321 -11.04 7.72 -22.25
CA ALA B 321 -10.25 8.97 -22.04
C ALA B 321 -9.19 9.07 -23.15
N LEU B 322 -8.49 7.97 -23.40
CA LEU B 322 -7.34 7.88 -24.35
C LEU B 322 -7.76 8.46 -25.70
N LYS B 323 -9.02 8.30 -26.07
CA LYS B 323 -9.61 8.71 -27.36
C LYS B 323 -9.99 10.20 -27.39
N TYR B 324 -10.23 10.88 -26.27
CA TYR B 324 -10.81 12.24 -26.29
C TYR B 324 -10.01 13.27 -25.48
N LEU B 325 -9.22 12.84 -24.48
CA LEU B 325 -8.57 13.77 -23.54
C LEU B 325 -7.08 13.78 -23.80
N PRO B 326 -6.36 14.90 -23.54
CA PRO B 326 -4.92 14.91 -23.73
C PRO B 326 -4.27 13.93 -22.73
N ILE B 327 -3.44 13.00 -23.23
CA ILE B 327 -2.77 11.90 -22.47
C ILE B 327 -1.85 12.46 -21.38
N ASP B 328 -1.11 13.53 -21.64
CA ASP B 328 -0.20 14.15 -20.63
C ASP B 328 -1.00 14.74 -19.46
N LYS B 329 -2.35 14.85 -19.54
CA LYS B 329 -3.20 15.42 -18.45
C LYS B 329 -3.85 14.30 -17.64
N CYS B 330 -3.64 13.05 -18.01
CA CYS B 330 -4.18 11.84 -17.36
C CYS B 330 -3.12 11.11 -16.52
N SER B 331 -3.56 10.47 -15.42
CA SER B 331 -2.74 9.55 -14.60
C SER B 331 -3.60 8.37 -14.13
N ARG B 332 -3.11 7.15 -14.30
CA ARG B 332 -3.65 5.92 -13.69
C ARG B 332 -2.94 5.71 -12.36
N ILE B 333 -3.69 5.76 -11.24
CA ILE B 333 -3.20 5.41 -9.87
C ILE B 333 -3.26 3.88 -9.71
N ILE B 334 -2.11 3.30 -9.41
CA ILE B 334 -1.90 1.83 -9.25
C ILE B 334 -1.25 1.63 -7.90
N PRO B 335 -1.82 0.80 -7.02
CA PRO B 335 -1.21 0.47 -5.73
C PRO B 335 -0.02 -0.47 -6.01
N ALA B 336 1.14 -0.18 -5.40
CA ALA B 336 2.37 -0.99 -5.49
C ALA B 336 2.09 -2.37 -4.89
N VAL B 340 -1.52 -6.88 -10.24
CA VAL B 340 -2.70 -6.80 -11.17
C VAL B 340 -2.30 -6.06 -12.46
N GLU B 341 -2.69 -6.57 -13.62
CA GLU B 341 -2.36 -5.96 -14.93
C GLU B 341 -3.51 -5.06 -15.38
N CYS B 342 -3.33 -3.75 -15.23
CA CYS B 342 -4.33 -2.74 -15.65
C CYS B 342 -3.70 -1.76 -16.65
N PHE B 343 -4.51 -0.86 -17.16
CA PHE B 343 -4.19 0.21 -18.14
C PHE B 343 -2.79 0.82 -17.88
N ASP B 344 -1.90 0.79 -18.90
CA ASP B 344 -0.50 1.28 -18.76
C ASP B 344 -0.16 2.32 -19.85
N LYS B 345 -1.08 3.21 -20.21
CA LYS B 345 -0.79 4.25 -21.24
C LYS B 345 -0.65 5.65 -20.62
N PHE B 346 -0.98 5.83 -19.33
CA PHE B 346 -0.89 7.14 -18.64
C PHE B 346 0.30 7.11 -17.69
N LYS B 347 0.90 8.27 -17.38
CA LYS B 347 1.94 8.33 -16.32
C LYS B 347 1.31 7.75 -15.05
N VAL B 348 2.04 6.89 -14.36
CA VAL B 348 1.49 6.09 -13.22
C VAL B 348 1.65 6.89 -11.93
N ASN B 349 0.60 6.93 -11.12
CA ASN B 349 0.60 7.45 -9.71
C ASN B 349 1.01 8.91 -9.67
N SER B 350 0.48 9.73 -10.57
CA SER B 350 0.60 11.21 -10.53
C SER B 350 -0.72 11.80 -10.03
N THR B 351 -0.82 11.95 -8.72
CA THR B 351 -2.02 12.38 -7.97
C THR B 351 -2.45 13.81 -8.38
N LEU B 352 -1.53 14.66 -8.86
CA LEU B 352 -1.86 16.08 -9.16
C LEU B 352 -2.25 16.29 -10.65
N GLU B 353 -2.23 15.24 -11.46
CA GLU B 353 -2.66 15.30 -12.88
C GLU B 353 -4.13 15.72 -12.91
N GLN B 354 -4.56 16.43 -13.97
CA GLN B 354 -5.92 16.98 -14.07
C GLN B 354 -6.92 15.83 -13.99
N TYR B 355 -6.59 14.69 -14.62
CA TYR B 355 -7.51 13.54 -14.80
C TYR B 355 -6.89 12.33 -14.13
N VAL B 356 -7.51 11.87 -13.04
CA VAL B 356 -6.98 10.78 -12.18
C VAL B 356 -7.96 9.61 -12.24
N PHE B 357 -7.45 8.45 -12.62
CA PHE B 357 -8.22 7.21 -12.87
C PHE B 357 -7.68 6.22 -11.86
N CYS B 358 -8.53 5.70 -11.01
CA CYS B 358 -8.08 5.04 -9.77
C CYS B 358 -9.26 4.29 -9.16
N THR B 359 -9.04 3.03 -8.78
CA THR B 359 -10.07 2.20 -8.10
C THR B 359 -10.32 2.82 -6.72
N VAL B 360 -11.50 2.63 -6.18
CA VAL B 360 -11.87 3.14 -4.82
C VAL B 360 -10.78 2.78 -3.81
N ASN B 361 -10.38 1.50 -3.74
CA ASN B 361 -9.56 0.98 -2.60
C ASN B 361 -8.14 1.57 -2.67
N ALA B 362 -7.75 2.24 -3.78
CA ALA B 362 -6.41 2.87 -3.98
C ALA B 362 -6.45 4.40 -3.95
N LEU B 363 -7.60 5.01 -3.66
CA LEU B 363 -7.74 6.48 -3.84
C LEU B 363 -6.73 7.18 -2.94
N PRO B 364 -6.04 8.22 -3.43
CA PRO B 364 -5.34 9.14 -2.53
C PRO B 364 -6.27 10.14 -1.84
N GLU B 365 -5.80 10.73 -0.76
CA GLU B 365 -6.47 11.87 -0.10
C GLU B 365 -6.18 13.06 -0.99
N THR B 366 -7.20 13.61 -1.64
CA THR B 366 -7.06 14.75 -2.59
C THR B 366 -8.41 15.42 -2.77
N THR B 367 -8.43 16.53 -3.48
CA THR B 367 -9.66 17.28 -3.83
C THR B 367 -9.88 17.15 -5.33
N ALA B 368 -11.06 17.51 -5.80
CA ALA B 368 -11.34 17.52 -7.26
C ALA B 368 -12.52 18.44 -7.51
N ASP B 369 -12.56 19.01 -8.70
CA ASP B 369 -13.74 19.77 -9.19
C ASP B 369 -14.88 18.77 -9.36
N ILE B 370 -14.67 17.64 -10.03
CA ILE B 370 -15.73 16.59 -10.14
C ILE B 370 -15.13 15.23 -9.78
N VAL B 371 -15.84 14.45 -8.98
CA VAL B 371 -15.59 13.01 -8.81
C VAL B 371 -16.64 12.23 -9.59
N VAL B 372 -16.20 11.40 -10.54
CA VAL B 372 -17.10 10.49 -11.32
C VAL B 372 -16.85 9.12 -10.75
N PHE B 373 -17.89 8.51 -10.19
CA PHE B 373 -17.88 7.16 -9.61
C PHE B 373 -18.74 6.31 -10.55
N ASP B 374 -18.10 5.39 -11.28
CA ASP B 374 -18.78 4.60 -12.33
C ASP B 374 -19.14 3.21 -11.79
N GLU B 375 -20.02 2.53 -12.50
CA GLU B 375 -20.51 1.18 -12.18
C GLU B 375 -20.95 1.16 -10.70
N ILE B 376 -21.93 2.00 -10.39
CA ILE B 376 -22.42 2.29 -9.02
C ILE B 376 -23.25 1.12 -8.48
N SER B 377 -23.98 0.35 -9.30
CA SER B 377 -24.69 -0.87 -8.82
C SER B 377 -23.71 -1.81 -8.11
N MET B 378 -22.44 -1.81 -8.50
CA MET B 378 -21.42 -2.76 -7.97
C MET B 378 -20.85 -2.24 -6.66
N ALA B 379 -21.13 -0.99 -6.28
CA ALA B 379 -20.53 -0.39 -5.06
C ALA B 379 -21.33 -0.87 -3.86
N THR B 380 -20.64 -0.93 -2.73
CA THR B 380 -21.22 -1.19 -1.39
C THR B 380 -21.15 0.12 -0.64
N ASN B 381 -21.89 0.22 0.45
CA ASN B 381 -21.90 1.44 1.30
C ASN B 381 -20.48 1.66 1.82
N TYR B 382 -19.69 0.58 1.94
CA TYR B 382 -18.28 0.66 2.38
C TYR B 382 -17.51 1.50 1.36
N ASP B 383 -17.60 1.14 0.07
CA ASP B 383 -17.00 1.93 -1.05
C ASP B 383 -17.50 3.37 -1.04
N LEU B 384 -18.82 3.56 -0.93
CA LEU B 384 -19.41 4.92 -0.95
C LEU B 384 -18.73 5.78 0.12
N SER B 385 -18.51 5.23 1.32
CA SER B 385 -17.96 6.00 2.46
C SER B 385 -16.49 6.29 2.17
N VAL B 386 -15.75 5.30 1.69
CA VAL B 386 -14.29 5.47 1.40
C VAL B 386 -14.10 6.63 0.43
N VAL B 387 -14.92 6.68 -0.62
CA VAL B 387 -14.72 7.73 -1.65
C VAL B 387 -14.90 9.07 -0.94
N ASN B 388 -15.96 9.19 -0.13
CA ASN B 388 -16.32 10.48 0.53
C ASN B 388 -15.18 10.88 1.48
N ALA B 389 -14.46 9.92 2.06
CA ALA B 389 -13.36 10.12 3.02
C ALA B 389 -12.06 10.54 2.32
N ARG B 390 -11.76 9.94 1.16
CA ARG B 390 -10.51 10.20 0.41
C ARG B 390 -10.64 11.49 -0.43
N LEU B 391 -11.83 11.76 -1.02
CA LEU B 391 -12.05 12.80 -2.07
C LEU B 391 -13.01 13.90 -1.59
N ARG B 392 -12.52 15.11 -1.41
CA ARG B 392 -13.40 16.26 -1.09
C ARG B 392 -13.57 17.01 -2.42
N ALA B 393 -14.78 17.03 -2.98
CA ALA B 393 -15.04 17.54 -4.33
C ALA B 393 -16.19 18.55 -4.37
N LYS B 394 -16.17 19.47 -5.34
CA LYS B 394 -17.30 20.40 -5.57
C LYS B 394 -18.51 19.59 -6.03
N HIS B 395 -18.32 18.60 -6.90
CA HIS B 395 -19.44 17.80 -7.44
C HIS B 395 -19.05 16.34 -7.46
N TYR B 396 -20.04 15.48 -7.25
CA TYR B 396 -19.91 14.02 -7.26
C TYR B 396 -20.94 13.55 -8.28
N VAL B 397 -20.53 12.74 -9.26
CA VAL B 397 -21.47 12.10 -10.21
C VAL B 397 -21.38 10.58 -10.04
N TYR B 398 -22.50 9.93 -9.82
CA TYR B 398 -22.64 8.48 -9.59
C TYR B 398 -23.25 7.91 -10.86
N ILE B 399 -22.47 7.15 -11.60
CA ILE B 399 -22.93 6.56 -12.90
C ILE B 399 -23.08 5.06 -12.74
N GLY B 400 -24.19 4.55 -13.20
CA GLY B 400 -24.45 3.11 -13.18
C GLY B 400 -25.88 2.81 -13.59
N ASP B 401 -26.37 1.65 -13.15
CA ASP B 401 -27.72 1.16 -13.51
C ASP B 401 -28.20 0.24 -12.39
N PRO B 402 -29.12 0.69 -11.51
CA PRO B 402 -29.63 -0.18 -10.45
C PRO B 402 -30.42 -1.36 -11.02
N ALA B 403 -30.59 -1.42 -12.35
CA ALA B 403 -31.22 -2.56 -13.07
C ALA B 403 -30.15 -3.57 -13.45
N GLN B 404 -28.88 -3.26 -13.23
CA GLN B 404 -27.80 -4.23 -13.54
C GLN B 404 -27.37 -4.93 -12.25
N LEU B 405 -26.26 -5.63 -12.25
CA LEU B 405 -25.87 -6.54 -11.16
C LEU B 405 -25.16 -5.76 -10.06
N PRO B 406 -25.41 -6.15 -8.79
CA PRO B 406 -24.69 -5.61 -7.65
C PRO B 406 -23.43 -6.41 -7.30
N ALA B 407 -22.55 -5.88 -6.46
CA ALA B 407 -21.42 -6.63 -5.85
C ALA B 407 -21.96 -7.93 -5.28
N PRO B 408 -21.27 -9.06 -5.48
CA PRO B 408 -21.69 -10.31 -4.89
C PRO B 408 -21.68 -10.16 -3.36
N ARG B 409 -22.67 -10.73 -2.71
CA ARG B 409 -22.72 -10.76 -1.23
C ARG B 409 -22.46 -12.21 -0.84
N THR B 410 -21.18 -12.56 -0.73
CA THR B 410 -20.70 -13.95 -0.54
C THR B 410 -21.47 -14.60 0.61
N LEU B 411 -21.90 -13.82 1.61
CA LEU B 411 -22.58 -14.34 2.84
C LEU B 411 -24.08 -14.47 2.62
N LEU B 412 -24.66 -13.77 1.65
CA LEU B 412 -26.15 -13.73 1.52
C LEU B 412 -26.60 -14.99 0.76
N THR B 413 -27.43 -15.80 1.40
CA THR B 413 -27.89 -17.10 0.84
C THR B 413 -29.41 -17.28 1.05
N LYS B 414 -30.08 -16.36 1.74
CA LYS B 414 -31.54 -16.46 2.02
C LYS B 414 -32.19 -15.09 1.70
N GLY B 415 -33.17 -15.11 0.79
CA GLY B 415 -33.88 -13.92 0.32
C GLY B 415 -33.22 -13.37 -0.92
N THR B 416 -33.82 -12.36 -1.54
CA THR B 416 -33.27 -11.61 -2.70
C THR B 416 -33.03 -10.17 -2.25
N LEU B 417 -31.87 -9.62 -2.59
CA LEU B 417 -31.56 -8.18 -2.38
C LEU B 417 -32.13 -7.35 -3.53
N GLU B 418 -33.17 -6.55 -3.26
CA GLU B 418 -33.74 -5.62 -4.28
C GLU B 418 -32.76 -4.47 -4.54
N PRO B 419 -32.78 -3.91 -5.77
CA PRO B 419 -31.83 -2.86 -6.14
C PRO B 419 -31.85 -1.62 -5.23
N GLU B 420 -33.00 -1.29 -4.65
CA GLU B 420 -33.08 -0.15 -3.71
C GLU B 420 -32.20 -0.43 -2.48
N TYR B 421 -31.65 -1.63 -2.31
CA TYR B 421 -30.85 -1.98 -1.09
C TYR B 421 -29.39 -2.28 -1.42
N PHE B 422 -28.95 -2.09 -2.68
CA PHE B 422 -27.57 -2.38 -3.15
C PHE B 422 -26.62 -1.39 -2.49
N ASN B 423 -26.98 -0.11 -2.44
CA ASN B 423 -26.21 0.93 -1.72
C ASN B 423 -27.09 2.19 -1.62
N SER B 424 -26.63 3.26 -0.96
CA SER B 424 -27.39 4.53 -0.77
C SER B 424 -27.73 5.12 -2.15
N VAL B 425 -26.77 5.10 -3.07
CA VAL B 425 -27.00 5.73 -4.40
C VAL B 425 -28.14 4.99 -5.08
N CYS B 426 -28.12 3.66 -5.10
CA CYS B 426 -29.19 2.88 -5.77
C CYS B 426 -30.49 3.08 -5.02
N ARG B 427 -30.41 3.25 -3.71
CA ARG B 427 -31.61 3.50 -2.88
C ARG B 427 -32.28 4.77 -3.43
N LEU B 428 -31.57 5.89 -3.52
CA LEU B 428 -32.10 7.15 -4.12
C LEU B 428 -32.66 6.88 -5.52
N MET B 429 -31.91 6.22 -6.39
CA MET B 429 -32.31 6.08 -7.82
C MET B 429 -33.62 5.31 -7.89
N LYS B 430 -33.88 4.41 -6.97
CA LYS B 430 -35.13 3.59 -6.99
C LYS B 430 -36.27 4.28 -6.23
N THR B 431 -35.97 5.16 -5.27
CA THR B 431 -37.01 5.81 -4.41
C THR B 431 -37.40 7.16 -5.03
N ILE B 432 -36.49 8.13 -5.15
CA ILE B 432 -36.81 9.46 -5.77
C ILE B 432 -36.53 9.43 -7.28
N GLY B 433 -35.91 8.37 -7.81
CA GLY B 433 -35.53 8.31 -9.24
C GLY B 433 -34.14 8.89 -9.49
N PRO B 434 -33.55 8.64 -10.68
CA PRO B 434 -32.23 9.19 -11.00
C PRO B 434 -32.32 10.65 -11.44
N ASP B 435 -31.30 11.44 -11.13
CA ASP B 435 -31.21 12.83 -11.66
C ASP B 435 -31.24 12.79 -13.19
N MET B 436 -30.52 11.85 -13.81
CA MET B 436 -30.28 11.90 -15.27
C MET B 436 -30.43 10.48 -15.81
N PHE B 437 -31.02 10.34 -16.98
CA PHE B 437 -31.31 9.02 -17.60
C PHE B 437 -30.83 9.04 -19.06
N LEU B 438 -29.99 8.08 -19.45
CA LEU B 438 -29.58 7.87 -20.86
C LEU B 438 -30.62 6.95 -21.49
N GLY B 439 -31.49 7.51 -22.36
CA GLY B 439 -32.77 6.89 -22.72
C GLY B 439 -32.70 6.18 -24.04
N THR B 440 -31.56 6.23 -24.72
CA THR B 440 -31.40 5.52 -26.02
C THR B 440 -30.29 4.47 -25.96
N CYS B 441 -30.68 3.21 -26.09
CA CYS B 441 -29.78 2.05 -26.24
C CYS B 441 -29.29 1.96 -27.69
N ARG B 442 -27.99 2.06 -27.91
CA ARG B 442 -27.35 2.03 -29.26
C ARG B 442 -26.82 0.63 -29.56
N ARG B 443 -26.83 -0.28 -28.59
CA ARG B 443 -26.19 -1.60 -28.76
C ARG B 443 -27.19 -2.57 -29.40
N CYS B 444 -28.40 -2.64 -28.86
CA CYS B 444 -29.20 -3.88 -28.93
C CYS B 444 -30.25 -3.79 -30.01
N PRO B 445 -30.58 -4.94 -30.62
CA PRO B 445 -31.77 -5.06 -31.46
C PRO B 445 -32.99 -4.53 -30.70
N ALA B 446 -33.99 -3.97 -31.41
CA ALA B 446 -35.19 -3.39 -30.79
C ALA B 446 -35.91 -4.45 -29.93
N GLU B 447 -35.94 -5.72 -30.33
CA GLU B 447 -36.70 -6.77 -29.60
C GLU B 447 -36.20 -6.87 -28.15
N ILE B 448 -34.89 -6.77 -27.96
CA ILE B 448 -34.19 -6.82 -26.65
C ILE B 448 -34.45 -5.50 -25.92
N VAL B 449 -34.28 -4.38 -26.59
CA VAL B 449 -34.55 -3.05 -25.97
C VAL B 449 -35.99 -3.03 -25.47
N ASP B 450 -36.94 -3.42 -26.31
CA ASP B 450 -38.37 -3.36 -25.92
C ASP B 450 -38.57 -4.22 -24.68
N THR B 451 -37.85 -5.35 -24.62
CA THR B 451 -38.09 -6.36 -23.58
C THR B 451 -37.64 -5.75 -22.25
N VAL B 452 -36.46 -5.13 -22.20
CA VAL B 452 -35.88 -4.70 -20.90
C VAL B 452 -36.44 -3.32 -20.56
N SER B 453 -36.88 -2.55 -21.57
CA SER B 453 -37.61 -1.28 -21.32
C SER B 453 -38.82 -1.58 -20.45
N ALA B 454 -39.64 -2.56 -20.84
CA ALA B 454 -40.82 -2.99 -20.07
C ALA B 454 -40.38 -3.68 -18.78
N LEU B 455 -39.34 -4.52 -18.85
CA LEU B 455 -39.00 -5.41 -17.71
C LEU B 455 -38.48 -4.58 -16.53
N VAL B 456 -37.63 -3.58 -16.75
CA VAL B 456 -36.90 -2.92 -15.62
C VAL B 456 -36.74 -1.41 -15.77
N TYR B 457 -37.13 -0.80 -16.90
CA TYR B 457 -36.92 0.65 -17.13
C TYR B 457 -38.24 1.41 -17.30
N ASP B 458 -39.37 0.88 -16.86
CA ASP B 458 -40.69 1.60 -16.92
C ASP B 458 -40.97 2.14 -18.32
N ASN B 459 -40.55 1.45 -19.38
CA ASN B 459 -40.88 1.76 -20.80
C ASN B 459 -40.24 3.09 -21.22
N LYS B 460 -39.15 3.49 -20.53
CA LYS B 460 -38.41 4.73 -20.84
C LYS B 460 -37.16 4.42 -21.64
N LEU B 461 -36.85 3.17 -21.97
CA LEU B 461 -35.62 2.91 -22.74
C LEU B 461 -36.03 2.73 -24.20
N LYS B 462 -35.42 3.51 -25.11
CA LYS B 462 -35.74 3.53 -26.56
C LYS B 462 -34.63 2.83 -27.36
N ALA B 463 -35.00 2.13 -28.43
CA ALA B 463 -34.04 1.43 -29.32
C ALA B 463 -33.55 2.40 -30.39
N HIS B 464 -32.23 2.50 -30.56
CA HIS B 464 -31.62 3.12 -31.74
C HIS B 464 -31.76 2.19 -32.95
N LYS B 465 -31.40 0.92 -32.81
CA LYS B 465 -31.47 -0.06 -33.91
C LYS B 465 -32.93 -0.44 -34.14
N ASP B 466 -33.25 -0.86 -35.37
CA ASP B 466 -34.49 -1.58 -35.68
C ASP B 466 -34.48 -2.99 -35.05
N LYS B 467 -35.59 -3.71 -35.19
CA LYS B 467 -35.64 -5.18 -34.99
C LYS B 467 -34.58 -5.80 -35.91
N SER B 468 -33.84 -6.79 -35.37
CA SER B 468 -32.85 -7.62 -36.09
C SER B 468 -33.57 -8.81 -36.72
N ALA B 469 -34.74 -9.16 -36.23
CA ALA B 469 -35.44 -10.42 -36.57
C ALA B 469 -34.54 -11.61 -36.22
N GLN B 470 -33.54 -11.43 -35.36
CA GLN B 470 -32.60 -12.53 -35.04
C GLN B 470 -32.62 -12.80 -33.53
N CYS B 471 -33.76 -12.52 -32.88
CA CYS B 471 -33.97 -12.70 -31.43
C CYS B 471 -34.99 -13.82 -31.26
N PHE B 472 -34.57 -14.95 -30.73
CA PHE B 472 -35.37 -16.19 -30.59
C PHE B 472 -35.42 -16.62 -29.13
N LYS B 473 -36.48 -17.36 -28.79
CA LYS B 473 -36.74 -17.91 -27.44
C LYS B 473 -37.32 -19.30 -27.61
N MET B 474 -36.88 -20.22 -26.75
N MET B 474 -36.90 -20.21 -26.73
CA MET B 474 -37.46 -21.59 -26.66
CA MET B 474 -37.38 -21.61 -26.65
C MET B 474 -37.75 -21.87 -25.20
C MET B 474 -37.73 -21.89 -25.19
N PHE B 475 -38.88 -22.49 -24.93
CA PHE B 475 -39.30 -22.93 -23.60
C PHE B 475 -38.93 -24.41 -23.51
N TYR B 476 -37.97 -24.71 -22.66
CA TYR B 476 -37.38 -26.06 -22.54
C TYR B 476 -36.75 -26.20 -21.16
N LYS B 477 -37.40 -26.97 -20.29
CA LYS B 477 -36.95 -27.19 -18.89
C LYS B 477 -35.80 -28.19 -18.87
N GLY B 478 -35.81 -29.14 -19.79
CA GLY B 478 -34.70 -30.10 -19.93
C GLY B 478 -34.52 -30.90 -18.65
N VAL B 479 -33.28 -31.03 -18.18
CA VAL B 479 -32.93 -31.85 -16.98
C VAL B 479 -31.86 -31.08 -16.20
N ILE B 480 -32.11 -30.81 -14.93
CA ILE B 480 -31.12 -30.09 -14.09
C ILE B 480 -30.35 -31.11 -13.25
N THR B 481 -29.03 -31.01 -13.28
CA THR B 481 -28.12 -31.78 -12.41
C THR B 481 -27.36 -30.73 -11.60
N HIS B 482 -26.90 -31.13 -10.42
CA HIS B 482 -26.23 -30.24 -9.44
C HIS B 482 -24.87 -30.85 -9.16
N ASP B 483 -23.81 -30.06 -9.19
CA ASP B 483 -22.54 -30.47 -8.57
C ASP B 483 -22.43 -29.67 -7.26
N VAL B 484 -21.22 -29.55 -6.71
CA VAL B 484 -20.99 -29.04 -5.32
C VAL B 484 -21.66 -27.67 -5.12
N SER B 485 -21.52 -26.72 -6.06
CA SER B 485 -21.98 -25.31 -5.90
C SER B 485 -22.47 -24.71 -7.23
N SER B 486 -23.01 -25.51 -8.14
CA SER B 486 -23.45 -25.02 -9.46
C SER B 486 -24.50 -25.95 -10.08
N ALA B 487 -25.06 -25.56 -11.23
CA ALA B 487 -26.11 -26.32 -11.96
C ALA B 487 -25.70 -26.53 -13.42
N ILE B 488 -26.24 -27.57 -14.00
CA ILE B 488 -25.94 -28.00 -15.38
C ILE B 488 -27.28 -28.45 -15.94
N ASN B 489 -27.55 -28.05 -17.17
CA ASN B 489 -28.75 -28.48 -17.94
C ASN B 489 -28.26 -28.95 -19.33
N ARG B 490 -27.82 -30.21 -19.39
CA ARG B 490 -27.23 -30.83 -20.60
C ARG B 490 -28.24 -30.78 -21.73
N PRO B 491 -29.51 -31.17 -21.53
CA PRO B 491 -30.47 -31.10 -22.63
C PRO B 491 -30.64 -29.68 -23.20
N GLN B 492 -30.50 -28.61 -22.40
CA GLN B 492 -30.54 -27.20 -22.90
C GLN B 492 -29.32 -26.96 -23.80
N ILE B 493 -28.17 -27.52 -23.43
CA ILE B 493 -26.97 -27.49 -24.30
C ILE B 493 -27.23 -28.33 -25.55
N GLY B 494 -27.81 -29.52 -25.43
CA GLY B 494 -28.22 -30.31 -26.60
C GLY B 494 -29.08 -29.49 -27.58
N VAL B 495 -30.12 -28.83 -27.10
CA VAL B 495 -31.04 -28.01 -27.94
C VAL B 495 -30.18 -27.00 -28.71
N VAL B 496 -29.22 -26.36 -28.05
CA VAL B 496 -28.33 -25.35 -28.66
C VAL B 496 -27.47 -26.05 -29.71
N ARG B 497 -26.94 -27.24 -29.42
CA ARG B 497 -26.12 -28.02 -30.38
C ARG B 497 -26.92 -28.24 -31.67
N GLU B 498 -28.18 -28.65 -31.54
CA GLU B 498 -29.09 -28.88 -32.69
C GLU B 498 -29.33 -27.55 -33.41
N PHE B 499 -29.52 -26.46 -32.67
CA PHE B 499 -29.78 -25.14 -33.27
C PHE B 499 -28.59 -24.72 -34.13
N LEU B 500 -27.37 -25.01 -33.66
CA LEU B 500 -26.10 -24.58 -34.32
C LEU B 500 -25.93 -25.40 -35.60
N THR B 501 -26.24 -26.71 -35.58
CA THR B 501 -26.12 -27.58 -36.79
C THR B 501 -27.05 -27.02 -37.86
N ARG B 502 -28.23 -26.50 -37.50
CA ARG B 502 -29.19 -25.88 -38.44
C ARG B 502 -28.88 -24.39 -38.70
N ASN B 503 -28.00 -23.74 -37.93
CA ASN B 503 -27.78 -22.27 -37.96
C ASN B 503 -26.30 -22.01 -37.72
N PRO B 504 -25.42 -22.61 -38.54
CA PRO B 504 -23.99 -22.56 -38.32
C PRO B 504 -23.40 -21.14 -38.26
N ALA B 505 -24.08 -20.14 -38.81
CA ALA B 505 -23.68 -18.72 -38.69
C ALA B 505 -23.55 -18.36 -37.21
N TRP B 506 -24.35 -19.02 -36.37
CA TRP B 506 -24.40 -18.72 -34.91
C TRP B 506 -23.19 -19.31 -34.18
N ARG B 507 -22.21 -19.88 -34.88
CA ARG B 507 -21.01 -20.46 -34.25
C ARG B 507 -20.08 -19.31 -33.89
N LYS B 508 -20.43 -18.08 -34.26
CA LYS B 508 -19.67 -16.88 -33.79
C LYS B 508 -20.30 -16.33 -32.48
N ALA B 509 -21.29 -17.00 -31.91
CA ALA B 509 -21.99 -16.57 -30.68
C ALA B 509 -21.09 -16.74 -29.45
N VAL B 510 -21.31 -15.88 -28.46
CA VAL B 510 -20.87 -16.12 -27.06
C VAL B 510 -21.97 -16.90 -26.35
N PHE B 511 -21.59 -17.91 -25.57
CA PHE B 511 -22.52 -18.71 -24.75
C PHE B 511 -22.55 -18.10 -23.34
N ILE B 512 -23.75 -17.85 -22.86
CA ILE B 512 -23.95 -17.20 -21.53
C ILE B 512 -24.93 -18.07 -20.75
N SER B 513 -24.63 -18.31 -19.49
CA SER B 513 -25.58 -18.95 -18.54
C SER B 513 -25.40 -18.35 -17.16
N PRO B 514 -26.34 -18.58 -16.23
CA PRO B 514 -26.16 -18.13 -14.86
C PRO B 514 -25.17 -18.97 -14.05
N TYR B 515 -24.61 -20.03 -14.61
CA TYR B 515 -23.82 -21.02 -13.84
C TYR B 515 -22.51 -21.39 -14.56
N ASN B 516 -21.41 -21.31 -13.83
CA ASN B 516 -20.03 -21.62 -14.31
C ASN B 516 -19.97 -23.09 -14.79
N SER B 517 -20.67 -24.04 -14.14
CA SER B 517 -20.62 -25.47 -14.52
C SER B 517 -21.34 -25.68 -15.84
N GLN B 518 -22.54 -25.09 -15.98
CA GLN B 518 -23.25 -25.06 -17.27
C GLN B 518 -22.26 -24.57 -18.34
N ASN B 519 -21.60 -23.45 -18.08
CA ASN B 519 -20.58 -22.86 -18.98
C ASN B 519 -19.51 -23.92 -19.28
N ALA B 520 -18.97 -24.64 -18.30
CA ALA B 520 -17.84 -25.60 -18.52
C ALA B 520 -18.31 -26.69 -19.47
N VAL B 521 -19.52 -27.20 -19.25
CA VAL B 521 -20.08 -28.29 -20.10
C VAL B 521 -20.30 -27.73 -21.51
N ALA B 522 -20.92 -26.55 -21.62
CA ALA B 522 -21.21 -25.88 -22.92
C ALA B 522 -19.93 -25.70 -23.75
N SER B 523 -18.84 -25.30 -23.08
CA SER B 523 -17.54 -24.99 -23.71
C SER B 523 -17.02 -26.25 -24.42
N LYS B 524 -16.98 -27.36 -23.70
CA LYS B 524 -16.57 -28.69 -24.22
C LYS B 524 -17.51 -29.08 -25.40
N ILE B 525 -18.83 -28.97 -25.24
CA ILE B 525 -19.82 -29.56 -26.19
C ILE B 525 -20.03 -28.67 -27.42
N LEU B 526 -19.98 -27.34 -27.29
CA LEU B 526 -20.32 -26.40 -28.37
C LEU B 526 -19.05 -25.73 -28.89
N GLY B 527 -18.03 -25.56 -28.06
CA GLY B 527 -16.84 -24.79 -28.45
C GLY B 527 -17.09 -23.30 -28.62
N LEU B 528 -18.21 -22.76 -28.16
CA LEU B 528 -18.38 -21.29 -28.10
C LEU B 528 -17.57 -20.74 -26.94
N PRO B 529 -17.06 -19.51 -27.03
CA PRO B 529 -16.58 -18.79 -25.84
C PRO B 529 -17.78 -18.68 -24.87
N THR B 530 -17.52 -18.85 -23.58
CA THR B 530 -18.54 -18.79 -22.50
C THR B 530 -18.25 -17.63 -21.54
N GLN B 531 -19.31 -17.10 -20.95
CA GLN B 531 -19.33 -16.05 -19.90
C GLN B 531 -20.46 -16.35 -18.94
N THR B 532 -20.27 -16.10 -17.65
CA THR B 532 -21.41 -16.05 -16.71
C THR B 532 -22.08 -14.70 -16.96
N VAL B 533 -23.38 -14.62 -16.72
CA VAL B 533 -24.06 -13.31 -16.81
C VAL B 533 -23.18 -12.33 -16.03
N ASP B 534 -22.75 -12.72 -14.83
CA ASP B 534 -22.06 -11.82 -13.86
C ASP B 534 -20.75 -11.36 -14.53
N SER B 535 -20.04 -12.22 -15.26
CA SER B 535 -18.74 -11.81 -15.88
C SER B 535 -18.97 -11.10 -17.22
N SER B 536 -20.18 -11.18 -17.79
CA SER B 536 -20.54 -10.56 -19.10
C SER B 536 -20.85 -9.07 -18.94
N GLN B 537 -21.22 -8.62 -17.73
CA GLN B 537 -21.64 -7.22 -17.45
C GLN B 537 -20.55 -6.26 -17.93
N GLY B 538 -20.91 -5.33 -18.82
CA GLY B 538 -19.97 -4.35 -19.42
C GLY B 538 -19.41 -4.78 -20.77
N SER B 539 -19.61 -6.02 -21.20
CA SER B 539 -19.14 -6.53 -22.52
C SER B 539 -20.29 -6.60 -23.51
N GLU B 540 -19.98 -6.58 -24.79
CA GLU B 540 -21.03 -6.77 -25.83
C GLU B 540 -20.50 -7.73 -26.88
N TYR B 541 -21.42 -8.43 -27.52
CA TYR B 541 -21.12 -9.45 -28.56
C TYR B 541 -22.27 -9.41 -29.59
N ASP B 542 -21.95 -9.69 -30.85
CA ASP B 542 -22.93 -9.67 -31.96
C ASP B 542 -24.01 -10.68 -31.64
N TYR B 543 -23.61 -11.90 -31.26
CA TYR B 543 -24.56 -13.01 -31.06
C TYR B 543 -24.34 -13.64 -29.70
N VAL B 544 -25.43 -13.88 -28.99
CA VAL B 544 -25.42 -14.46 -27.62
C VAL B 544 -26.37 -15.66 -27.65
N ILE B 545 -25.93 -16.78 -27.09
CA ILE B 545 -26.84 -17.92 -26.82
C ILE B 545 -26.90 -18.09 -25.31
N PHE B 546 -28.11 -17.94 -24.76
CA PHE B 546 -28.35 -17.99 -23.30
C PHE B 546 -29.14 -19.26 -22.99
N THR B 547 -28.62 -20.10 -22.10
CA THR B 547 -29.40 -21.19 -21.46
C THR B 547 -29.68 -20.76 -20.01
N GLN B 548 -30.95 -20.55 -19.67
CA GLN B 548 -31.34 -20.21 -18.27
C GLN B 548 -30.85 -21.29 -17.29
N THR B 549 -30.76 -22.56 -17.72
CA THR B 549 -30.24 -23.73 -16.94
C THR B 549 -31.23 -24.18 -15.86
N THR B 550 -31.63 -23.28 -14.96
CA THR B 550 -32.63 -23.57 -13.89
C THR B 550 -33.70 -22.46 -13.84
N GLU B 551 -34.64 -22.62 -12.92
CA GLU B 551 -35.80 -21.73 -12.67
C GLU B 551 -35.73 -21.17 -11.25
N THR B 552 -34.53 -21.10 -10.67
CA THR B 552 -34.26 -20.60 -9.30
C THR B 552 -34.43 -19.07 -9.25
N ALA B 553 -34.37 -18.49 -8.04
CA ALA B 553 -34.22 -17.04 -7.78
C ALA B 553 -32.99 -16.51 -8.50
N HIS B 554 -31.90 -17.27 -8.48
CA HIS B 554 -30.60 -16.83 -9.08
C HIS B 554 -30.80 -16.68 -10.59
N SER B 555 -31.40 -17.65 -11.25
CA SER B 555 -31.46 -17.69 -12.72
C SER B 555 -32.63 -16.81 -13.21
N CYS B 556 -33.58 -16.49 -12.32
CA CYS B 556 -34.79 -15.67 -12.64
C CYS B 556 -34.58 -14.22 -12.19
N ASN B 557 -33.47 -13.90 -11.57
CA ASN B 557 -33.28 -12.53 -11.06
C ASN B 557 -33.42 -11.56 -12.25
N VAL B 558 -34.25 -10.51 -12.13
CA VAL B 558 -34.57 -9.66 -13.31
C VAL B 558 -33.32 -8.87 -13.70
N ASN B 559 -32.52 -8.45 -12.74
CA ASN B 559 -31.28 -7.69 -13.04
C ASN B 559 -30.33 -8.59 -13.85
N ARG B 560 -30.24 -9.86 -13.48
CA ARG B 560 -29.32 -10.81 -14.12
C ARG B 560 -29.81 -11.03 -15.55
N PHE B 561 -31.11 -11.21 -15.69
CA PHE B 561 -31.75 -11.48 -16.99
C PHE B 561 -31.52 -10.26 -17.90
N ASN B 562 -31.71 -9.07 -17.34
CA ASN B 562 -31.48 -7.76 -17.99
C ASN B 562 -30.06 -7.74 -18.55
N VAL B 563 -29.06 -8.02 -17.73
CA VAL B 563 -27.64 -8.00 -18.18
C VAL B 563 -27.40 -9.08 -19.26
N ALA B 564 -28.01 -10.24 -19.10
CA ALA B 564 -27.73 -11.41 -19.96
C ALA B 564 -28.10 -11.04 -21.42
N ILE B 565 -29.31 -10.54 -21.63
CA ILE B 565 -29.91 -10.42 -22.99
C ILE B 565 -29.47 -9.11 -23.67
N THR B 566 -29.07 -8.08 -22.92
CA THR B 566 -28.51 -6.79 -23.41
C THR B 566 -27.01 -6.91 -23.73
N ARG B 567 -26.45 -8.12 -23.77
CA ARG B 567 -25.05 -8.30 -24.23
C ARG B 567 -25.01 -8.29 -25.78
N ALA B 568 -26.16 -8.52 -26.43
CA ALA B 568 -26.27 -8.81 -27.88
C ALA B 568 -26.41 -7.50 -28.67
N LYS B 569 -25.57 -7.34 -29.71
CA LYS B 569 -25.69 -6.26 -30.74
C LYS B 569 -26.64 -6.67 -31.86
N VAL B 570 -26.77 -7.95 -32.17
CA VAL B 570 -27.47 -8.37 -33.41
C VAL B 570 -28.53 -9.44 -33.13
N GLY B 571 -28.12 -10.58 -32.57
CA GLY B 571 -29.04 -11.71 -32.33
C GLY B 571 -28.80 -12.37 -31.00
N ILE B 572 -29.84 -13.02 -30.49
CA ILE B 572 -29.81 -13.76 -29.21
C ILE B 572 -30.72 -14.96 -29.39
N LEU B 573 -30.32 -16.08 -28.81
CA LEU B 573 -31.19 -17.26 -28.62
C LEU B 573 -31.31 -17.45 -27.12
N CYS B 574 -32.50 -17.37 -26.55
CA CYS B 574 -32.71 -17.70 -25.12
C CYS B 574 -33.41 -19.04 -25.00
N ILE B 575 -32.74 -20.05 -24.46
CA ILE B 575 -33.36 -21.33 -24.01
C ILE B 575 -33.81 -21.11 -22.57
N MET B 576 -35.13 -21.01 -22.32
CA MET B 576 -35.68 -20.54 -21.03
C MET B 576 -36.28 -21.72 -20.25
N SER B 577 -36.13 -21.67 -18.94
CA SER B 577 -36.74 -22.59 -17.93
C SER B 577 -38.00 -21.96 -17.36
N ASP B 578 -37.98 -20.66 -17.15
CA ASP B 578 -39.01 -19.89 -16.40
C ASP B 578 -40.08 -19.42 -17.38
N ARG B 579 -41.32 -19.86 -17.21
CA ARG B 579 -42.45 -19.43 -18.08
C ARG B 579 -42.61 -17.91 -18.01
N ASP B 580 -42.42 -17.32 -16.84
CA ASP B 580 -42.61 -15.86 -16.58
C ASP B 580 -41.67 -15.11 -17.53
N LEU B 581 -40.36 -15.18 -17.32
CA LEU B 581 -39.39 -14.46 -18.17
C LEU B 581 -39.55 -14.88 -19.64
N TYR B 582 -39.85 -16.14 -19.93
CA TYR B 582 -40.05 -16.58 -21.33
C TYR B 582 -41.13 -15.70 -21.98
N ASP B 583 -42.22 -15.47 -21.26
CA ASP B 583 -43.45 -14.81 -21.78
C ASP B 583 -43.19 -13.31 -21.94
N LYS B 584 -42.31 -12.74 -21.11
CA LYS B 584 -41.85 -11.33 -21.19
C LYS B 584 -40.85 -11.12 -22.33
N LEU B 585 -40.16 -12.14 -22.83
CA LEU B 585 -39.26 -11.99 -24.02
C LEU B 585 -40.10 -11.68 -25.26
N GLN B 586 -39.84 -10.51 -25.86
CA GLN B 586 -40.53 -10.06 -27.09
C GLN B 586 -39.71 -10.59 -28.27
N PHE B 587 -39.55 -11.91 -28.32
CA PHE B 587 -38.68 -12.62 -29.28
C PHE B 587 -39.57 -13.59 -30.04
N THR B 588 -39.07 -14.07 -31.17
CA THR B 588 -39.73 -15.10 -31.98
C THR B 588 -39.61 -16.43 -31.24
N SER B 589 -40.72 -17.11 -31.03
CA SER B 589 -40.69 -18.43 -30.38
C SER B 589 -40.31 -19.49 -31.41
N LEU B 590 -39.58 -20.51 -30.95
CA LEU B 590 -39.12 -21.66 -31.75
C LEU B 590 -39.68 -22.93 -31.10
N GLU B 591 -40.20 -23.87 -31.87
CA GLU B 591 -40.61 -25.21 -31.36
C GLU B 591 -39.35 -26.00 -31.02
N ILE B 592 -39.51 -27.05 -30.20
CA ILE B 592 -38.45 -28.01 -29.74
C ILE B 592 -38.33 -29.12 -30.76
N PRO B 593 -37.11 -29.47 -31.27
CA PRO B 593 -36.94 -30.64 -32.12
C PRO B 593 -37.08 -31.99 -31.37
ZN ZN C . 12.81 32.69 -32.89
ZN ZN D . 16.85 24.41 -12.84
ZN ZN E . 10.67 32.28 -4.93
P PO4 F . 21.17 -1.52 22.41
O1 PO4 F . 22.23 -2.06 21.42
O2 PO4 F . 21.45 -0.07 22.74
O3 PO4 F . 21.22 -2.30 23.72
O4 PO4 F . 19.80 -1.71 21.81
P PO4 G . 23.96 -1.20 18.03
O1 PO4 G . 24.94 -2.20 18.64
O2 PO4 G . 24.06 0.12 18.74
O3 PO4 G . 24.37 -1.02 16.52
O4 PO4 G . 22.55 -1.71 18.11
N1 NUA H . -5.48 20.73 -12.55
N3 NUA H . -6.43 21.41 -11.86
C4 NUA H . -5.23 20.13 -10.46
C5 NUA H . -4.96 20.13 -8.05
C6 NUA H . -4.65 19.28 -6.85
C7 NUA H . -5.83 18.96 -5.91
C8 NUA H . -5.40 20.16 -5.06
C10 NUA H . -6.27 21.04 -10.59
C1 NUA H . -6.21 22.08 -14.48
C2 NUA H . -5.37 20.93 -13.99
C3 NUA H . -4.73 19.96 -11.75
C9 NUA H . -4.00 20.04 -5.66
N2 NUA H . -4.77 19.55 -9.26
O1 NUA H . -5.35 21.29 -7.92
ZN ZN I . -21.62 -5.72 20.88
ZN ZN J . -24.22 6.38 23.21
ZN ZN K . -13.28 -13.41 39.72
P PO4 L . -22.22 2.07 -22.12
O1 PO4 L . -20.97 2.72 -21.63
O2 PO4 L . -22.33 0.59 -21.75
O3 PO4 L . -22.26 2.20 -23.62
O4 PO4 L . -23.40 2.79 -21.51
P PO4 M . -23.47 -2.04 -19.88
O1 PO4 M . -21.99 -1.82 -19.63
O2 PO4 M . -23.94 -3.42 -19.47
O3 PO4 M . -23.75 -1.88 -21.33
O4 PO4 M . -24.23 -1.05 -19.07
#